data_6ZV5
#
_entry.id   6ZV5
#
_cell.length_a   73.925
_cell.length_b   73.925
_cell.length_c   119.592
_cell.angle_alpha   90.000
_cell.angle_beta   90.000
_cell.angle_gamma   120.000
#
_symmetry.space_group_name_H-M   'P 31'
#
loop_
_entity.id
_entity.type
_entity.pdbx_description
1 polymer 'Mucin-binding lectin 1'
2 branched beta-D-galactopyranose-(1-3)-[alpha-L-fucopyranose-(1-4)]2-acetamido-2-deoxy-beta-D-glucopyranose
3 branched beta-D-galactopyranose-(1-3)-[alpha-L-fucopyranose-(1-4)]2-acetamido-2-deoxy-beta-D-glucopyranose-(1-3)-alpha-D-galactopyranose
4 non-polymer 'SULFATE ION'
5 water water
#
_entity_poly.entity_id   1
_entity_poly.type   'polypeptide(L)'
_entity_poly.pdbx_seq_one_letter_code
;AIFHTGSELFIITRGPGKLTLLTWGGLNNLRSVIGAIPTENTGVTKWAVSFSHNYTRFSFIWEGQGEACYQIGNGLTRSP
VGRSWSSSSTIHWGSSTVITEDVTSVVPGAVNRDKVTTAYALPDNL
;
_entity_poly.pdbx_strand_id   AAA,BBB,CCC,DDD,EEE,FFF
#
# COMPACT_ATOMS: atom_id res chain seq x y z
N ALA A 1 -11.58 25.51 7.73
CA ALA A 1 -10.75 26.35 6.86
C ALA A 1 -9.61 25.50 6.30
N ILE A 2 -9.33 25.59 5.01
CA ILE A 2 -8.24 24.85 4.38
C ILE A 2 -6.92 25.32 5.05
N PHE A 3 -6.02 24.35 5.28
CA PHE A 3 -4.66 24.47 5.82
C PHE A 3 -4.70 24.25 7.32
N HIS A 4 -5.88 24.30 7.94
CA HIS A 4 -6.06 23.92 9.35
C HIS A 4 -5.92 22.41 9.47
N THR A 5 -5.52 21.95 10.67
CA THR A 5 -5.48 20.49 10.93
C THR A 5 -6.86 19.93 10.58
N GLY A 6 -6.92 18.82 9.83
CA GLY A 6 -8.20 18.20 9.40
C GLY A 6 -8.60 18.66 8.00
N SER A 7 -8.04 19.76 7.48
CA SER A 7 -8.41 20.31 6.15
C SER A 7 -7.12 20.64 5.38
N GLU A 8 -6.19 19.70 5.43
CA GLU A 8 -4.87 19.82 4.77
C GLU A 8 -5.04 19.78 3.28
N LEU A 9 -4.19 20.44 2.54
CA LEU A 9 -4.32 20.52 1.07
C LEU A 9 -3.40 19.49 0.43
N PHE A 10 -4.02 18.52 -0.27
CA PHE A 10 -3.26 17.48 -1.01
C PHE A 10 -3.55 17.56 -2.48
N ILE A 11 -2.60 17.18 -3.31
CA ILE A 11 -2.75 17.11 -4.78
C ILE A 11 -2.38 15.72 -5.25
N ILE A 12 -3.00 15.27 -6.33
CA ILE A 12 -2.73 14.00 -7.03
C ILE A 12 -2.59 14.33 -8.49
N THR A 13 -1.47 13.91 -9.10
CA THR A 13 -1.20 14.19 -10.50
C THR A 13 -0.88 12.89 -11.18
N ARG A 14 -1.05 12.86 -12.51
CA ARG A 14 -0.51 11.76 -13.33
C ARG A 14 0.47 12.29 -14.34
N GLY A 15 1.58 11.58 -14.49
CA GLY A 15 2.60 11.89 -15.50
C GLY A 15 3.50 13.01 -15.03
N PRO A 16 4.54 13.31 -15.83
CA PRO A 16 5.50 14.32 -15.47
C PRO A 16 4.90 15.74 -15.64
N GLY A 17 5.45 16.71 -14.91
CA GLY A 17 5.03 18.11 -15.10
C GLY A 17 5.42 18.96 -13.93
N LYS A 18 4.92 20.18 -13.86
CA LYS A 18 5.24 21.04 -12.71
C LYS A 18 3.96 21.52 -12.05
N LEU A 19 3.98 21.46 -10.75
CA LEU A 19 2.98 22.13 -9.91
C LEU A 19 3.59 23.45 -9.48
N THR A 20 2.95 24.57 -9.81
CA THR A 20 3.46 25.92 -9.43
C THR A 20 2.56 26.55 -8.36
N LEU A 21 3.19 27.03 -7.31
CA LEU A 21 2.49 27.72 -6.23
C LEU A 21 2.89 29.20 -6.25
N LEU A 22 1.88 30.05 -6.15
CA LEU A 22 1.98 31.53 -6.06
C LEU A 22 1.49 31.90 -4.66
N THR A 23 2.41 32.42 -3.87
CA THR A 23 2.13 32.80 -2.46
C THR A 23 2.00 34.33 -2.47
N TRP A 24 0.85 34.88 -2.10
CA TRP A 24 0.67 36.34 -2.27
C TRP A 24 -0.28 36.89 -1.22
N GLY A 25 -0.64 38.16 -1.36
CA GLY A 25 -1.42 38.83 -0.31
C GLY A 25 -0.64 38.91 0.97
N GLY A 26 0.68 39.08 0.86
CA GLY A 26 1.56 39.20 2.05
C GLY A 26 1.24 40.44 2.85
N LEU A 27 1.13 40.28 4.17
CA LEU A 27 0.97 41.41 5.12
C LEU A 27 2.21 42.34 5.04
N ASN A 28 1.99 43.62 5.26
CA ASN A 28 3.02 44.67 5.29
C ASN A 28 4.04 44.54 4.16
N ASN A 29 3.55 44.42 2.94
CA ASN A 29 4.40 44.54 1.74
C ASN A 29 5.41 43.37 1.71
N LEU A 30 5.07 42.20 2.27
CA LEU A 30 5.95 41.01 2.04
C LEU A 30 5.93 40.67 0.55
N ARG A 31 7.09 40.30 0.00
CA ARG A 31 7.18 40.02 -1.44
C ARG A 31 6.42 38.75 -1.78
N SER A 32 5.64 38.80 -2.86
CA SER A 32 4.94 37.62 -3.39
C SER A 32 5.96 36.63 -3.96
N VAL A 33 5.66 35.33 -3.88
CA VAL A 33 6.57 34.26 -4.37
C VAL A 33 5.85 33.40 -5.40
N ILE A 34 6.58 33.01 -6.44
CA ILE A 34 6.13 32.01 -7.43
C ILE A 34 7.23 30.95 -7.50
N GLY A 35 6.87 29.67 -7.41
CA GLY A 35 7.86 28.61 -7.61
C GLY A 35 7.25 27.36 -8.21
N ALA A 36 7.87 26.87 -9.27
CA ALA A 36 7.49 25.61 -9.93
C ALA A 36 8.20 24.44 -9.23
N ILE A 37 7.44 23.41 -8.91
CA ILE A 37 7.96 22.14 -8.32
C ILE A 37 7.77 21.05 -9.39
N PRO A 38 8.85 20.48 -9.94
CA PRO A 38 8.70 19.43 -10.96
C PRO A 38 8.57 18.02 -10.39
N THR A 39 7.80 17.16 -11.07
CA THR A 39 7.88 15.69 -10.89
C THR A 39 8.26 15.08 -12.25
N GLU A 40 9.03 14.01 -12.26
CA GLU A 40 9.37 13.25 -13.49
C GLU A 40 8.63 11.89 -13.46
N ASN A 41 7.76 11.65 -12.47
CA ASN A 41 7.06 10.35 -12.33
C ASN A 41 6.20 10.13 -13.57
N THR A 42 6.17 8.92 -14.13
CA THR A 42 5.29 8.63 -15.28
C THR A 42 3.88 8.29 -14.76
N GLY A 43 3.76 7.87 -13.50
CA GLY A 43 2.48 7.49 -12.93
C GLY A 43 1.93 8.57 -12.02
N VAL A 44 1.35 8.12 -10.94
CA VAL A 44 0.68 8.99 -9.94
C VAL A 44 1.71 9.63 -9.02
N THR A 45 1.60 10.96 -8.81
CA THR A 45 2.36 11.61 -7.73
C THR A 45 1.36 12.17 -6.74
N LYS A 46 1.61 11.98 -5.45
CA LYS A 46 0.82 12.61 -4.38
C LYS A 46 1.65 13.78 -3.83
N TRP A 47 0.99 14.84 -3.40
CA TRP A 47 1.63 16.10 -3.00
C TRP A 47 0.96 16.66 -1.76
N ALA A 48 1.76 17.33 -0.92
CA ALA A 48 1.26 18.17 0.17
C ALA A 48 1.59 19.61 -0.19
N VAL A 49 0.60 20.49 -0.18
CA VAL A 49 0.82 21.94 -0.43
C VAL A 49 0.57 22.67 0.88
N SER A 50 1.52 23.53 1.24
CA SER A 50 1.51 24.29 2.50
C SER A 50 1.25 25.76 2.13
N PHE A 51 0.70 26.48 3.07
CA PHE A 51 0.76 27.95 3.11
C PHE A 51 2.10 28.40 3.71
N SER A 52 2.37 29.71 3.69
CA SER A 52 3.46 30.38 4.47
C SER A 52 2.76 31.34 5.43
N HIS A 53 3.15 31.36 6.69
CA HIS A 53 2.68 32.35 7.62
C HIS A 53 2.89 33.78 7.05
N ASN A 54 1.93 34.63 7.40
CA ASN A 54 1.87 36.07 7.05
C ASN A 54 1.40 36.28 5.61
N TYR A 55 0.95 35.26 4.87
CA TYR A 55 0.33 35.48 3.55
C TYR A 55 -1.14 35.11 3.57
N THR A 56 -1.95 35.74 2.72
CA THR A 56 -3.44 35.62 2.81
C THR A 56 -4.01 35.05 1.52
N ARG A 57 -3.17 34.78 0.50
CA ARG A 57 -3.60 34.24 -0.80
C ARG A 57 -2.62 33.14 -1.26
N PHE A 58 -3.16 32.02 -1.71
CA PHE A 58 -2.39 30.89 -2.24
C PHE A 58 -3.08 30.40 -3.51
N SER A 59 -2.35 30.41 -4.62
CA SER A 59 -2.89 30.00 -5.92
C SER A 59 -1.95 29.00 -6.54
N PHE A 60 -2.49 28.01 -7.23
CA PHE A 60 -1.62 26.98 -7.84
C PHE A 60 -2.21 26.47 -9.13
N ILE A 61 -1.32 26.00 -10.00
CA ILE A 61 -1.72 25.39 -11.27
C ILE A 61 -0.85 24.17 -11.49
N TRP A 62 -1.32 23.28 -12.31
CA TRP A 62 -0.58 22.11 -12.82
C TRP A 62 -0.36 22.34 -14.29
N GLU A 63 0.89 22.21 -14.75
CA GLU A 63 1.18 22.40 -16.17
C GLU A 63 1.52 21.14 -16.94
N GLY A 64 1.40 19.97 -16.37
CA GLY A 64 1.63 18.73 -17.12
C GLY A 64 0.52 18.33 -18.10
N GLN A 65 0.79 17.38 -18.96
CA GLN A 65 -0.21 16.88 -19.93
C GLN A 65 -1.31 16.09 -19.19
N GLY A 66 -0.99 15.40 -18.11
CA GLY A 66 -1.91 14.49 -17.38
C GLY A 66 -2.86 15.19 -16.46
N GLU A 67 -3.78 14.45 -15.85
CA GLU A 67 -4.76 15.00 -14.87
C GLU A 67 -4.06 15.54 -13.60
N ALA A 68 -4.78 16.40 -12.88
CA ALA A 68 -4.38 16.86 -11.54
C ALA A 68 -5.64 17.23 -10.77
N CYS A 69 -5.79 16.74 -9.56
CA CYS A 69 -6.90 16.98 -8.65
C CYS A 69 -6.37 17.36 -7.26
N TYR A 70 -7.15 18.10 -6.52
CA TYR A 70 -6.91 18.35 -5.09
C TYR A 70 -7.91 17.57 -4.27
N GLN A 71 -7.51 17.31 -3.03
CA GLN A 71 -8.30 16.66 -1.99
C GLN A 71 -8.06 17.43 -0.73
N ILE A 72 -9.09 17.66 0.05
CA ILE A 72 -8.97 18.38 1.34
C ILE A 72 -9.05 17.35 2.45
N GLY A 73 -8.01 17.30 3.28
CA GLY A 73 -8.01 16.41 4.44
C GLY A 73 -8.19 14.98 3.99
N ASN A 74 -8.95 14.21 4.76
CA ASN A 74 -9.24 12.79 4.42
C ASN A 74 -10.58 12.71 3.65
N GLY A 75 -11.04 13.84 3.11
CA GLY A 75 -12.24 13.84 2.26
C GLY A 75 -12.05 12.94 1.07
N LEU A 76 -13.13 12.39 0.53
CA LEU A 76 -13.05 11.47 -0.61
C LEU A 76 -13.01 12.23 -1.94
N THR A 77 -13.57 13.41 -2.01
CA THR A 77 -13.75 14.18 -3.25
C THR A 77 -12.39 14.59 -3.77
N ARG A 78 -12.19 14.43 -5.08
CA ARG A 78 -10.98 14.95 -5.76
C ARG A 78 -11.49 15.74 -6.95
N SER A 79 -11.04 16.98 -7.07
CA SER A 79 -11.57 17.93 -8.08
C SER A 79 -10.40 18.51 -8.84
N PRO A 80 -10.56 18.76 -10.14
CA PRO A 80 -9.49 19.29 -10.96
C PRO A 80 -8.85 20.59 -10.47
N VAL A 81 -7.54 20.60 -10.66
CA VAL A 81 -6.66 21.76 -10.38
C VAL A 81 -6.67 22.65 -11.60
N GLY A 82 -6.54 23.96 -11.39
CA GLY A 82 -6.36 24.90 -12.51
C GLY A 82 -5.14 24.59 -13.36
N ARG A 83 -5.22 24.92 -14.64
CA ARG A 83 -4.12 24.58 -15.59
C ARG A 83 -3.46 25.84 -16.17
N SER A 84 -3.90 27.02 -15.75
CA SER A 84 -3.29 28.30 -16.17
C SER A 84 -3.61 29.35 -15.12
N TRP A 85 -2.78 30.38 -15.04
CA TRP A 85 -2.97 31.43 -14.01
C TRP A 85 -4.28 32.18 -14.21
N SER A 86 -4.81 32.25 -15.43
CA SER A 86 -6.11 32.95 -15.64
C SER A 86 -7.27 32.12 -15.04
N SER A 87 -7.08 30.82 -14.78
CA SER A 87 -8.09 29.94 -14.10
C SER A 87 -7.42 29.13 -12.98
N SER A 88 -6.57 29.79 -12.19
CA SER A 88 -5.81 29.18 -11.09
C SER A 88 -6.76 28.54 -10.07
N SER A 89 -6.28 27.46 -9.40
CA SER A 89 -6.91 27.06 -8.13
C SER A 89 -6.48 28.08 -7.08
N THR A 90 -7.38 28.65 -6.29
CA THR A 90 -6.96 29.72 -5.35
C THR A 90 -7.65 29.43 -4.02
N ILE A 91 -6.95 29.75 -2.95
CA ILE A 91 -7.51 29.70 -1.58
C ILE A 91 -7.31 31.09 -0.95
N HIS A 92 -8.40 31.69 -0.52
CA HIS A 92 -8.40 32.88 0.35
C HIS A 92 -8.18 32.37 1.78
N TRP A 93 -7.16 32.85 2.44
CA TRP A 93 -6.87 32.49 3.84
C TRP A 93 -8.14 32.61 4.67
N GLY A 94 -8.55 31.52 5.31
CA GLY A 94 -9.73 31.44 6.17
C GLY A 94 -10.88 30.72 5.46
N SER A 95 -10.79 30.58 4.14
CA SER A 95 -11.85 29.93 3.33
C SER A 95 -11.77 28.42 3.48
N SER A 96 -12.91 27.73 3.41
CA SER A 96 -12.98 26.26 3.40
C SER A 96 -13.05 25.75 1.95
N THR A 97 -12.90 26.61 0.95
CA THR A 97 -13.17 26.21 -0.44
C THR A 97 -12.01 26.63 -1.30
N VAL A 98 -11.69 25.80 -2.30
CA VAL A 98 -10.80 26.17 -3.42
C VAL A 98 -11.67 26.77 -4.52
N ILE A 99 -11.33 27.94 -5.00
CA ILE A 99 -12.13 28.64 -6.04
C ILE A 99 -11.23 28.73 -7.26
N THR A 100 -11.81 29.04 -8.40
CA THR A 100 -11.06 29.44 -9.60
C THR A 100 -10.89 30.95 -9.56
N GLU A 101 -9.66 31.45 -9.73
CA GLU A 101 -9.39 32.90 -9.69
C GLU A 101 -8.34 33.23 -10.74
N ASP A 102 -8.53 34.30 -11.50
CA ASP A 102 -7.50 34.82 -12.44
C ASP A 102 -6.51 35.63 -11.61
N VAL A 103 -5.26 35.18 -11.55
CA VAL A 103 -4.21 35.88 -10.77
C VAL A 103 -3.10 36.28 -11.74
N THR A 104 -3.37 36.38 -13.04
CA THR A 104 -2.35 36.89 -14.04
C THR A 104 -1.74 38.23 -13.61
N SER A 105 -2.45 39.07 -12.90
CA SER A 105 -1.98 40.45 -12.52
C SER A 105 -0.99 40.33 -11.34
N VAL A 106 -1.00 39.20 -10.63
CA VAL A 106 -0.16 39.03 -9.40
C VAL A 106 1.20 38.44 -9.81
N VAL A 107 1.19 37.60 -10.85
CA VAL A 107 2.38 36.77 -11.21
C VAL A 107 3.59 37.64 -11.53
N PRO A 108 3.50 38.69 -12.37
CA PRO A 108 4.69 39.42 -12.81
C PRO A 108 5.48 40.05 -11.66
N GLY A 109 4.86 40.35 -10.53
CA GLY A 109 5.56 40.97 -9.41
C GLY A 109 6.23 39.96 -8.49
N ALA A 110 5.93 38.67 -8.64
CA ALA A 110 6.34 37.65 -7.64
C ALA A 110 7.82 37.36 -7.82
N VAL A 111 8.54 37.10 -6.74
CA VAL A 111 9.96 36.65 -6.88
C VAL A 111 9.99 35.12 -7.17
N ASN A 112 10.91 34.70 -8.01
CA ASN A 112 11.01 33.29 -8.45
C ASN A 112 11.75 32.46 -7.40
N ARG A 113 11.15 31.37 -6.96
CA ARG A 113 11.68 30.39 -5.99
C ARG A 113 11.39 28.99 -6.49
N ASP A 114 11.64 28.75 -7.75
CA ASP A 114 11.52 27.43 -8.42
C ASP A 114 12.33 26.41 -7.61
N LYS A 115 11.71 25.28 -7.32
CA LYS A 115 12.24 24.10 -6.53
C LYS A 115 12.50 24.48 -5.10
N VAL A 116 12.00 25.62 -4.65
CA VAL A 116 12.14 26.07 -3.23
C VAL A 116 10.90 26.85 -2.84
N THR A 117 9.73 26.27 -2.97
CA THR A 117 8.48 26.81 -2.37
C THR A 117 7.73 25.66 -1.70
N THR A 118 6.60 25.97 -1.08
CA THR A 118 5.95 25.17 -0.04
C THR A 118 4.95 24.18 -0.63
N ALA A 119 5.31 23.47 -1.68
CA ALA A 119 4.59 22.35 -2.26
C ALA A 119 5.56 21.19 -2.47
N TYR A 120 5.17 20.00 -2.07
CA TYR A 120 6.10 18.84 -1.97
C TYR A 120 5.49 17.58 -2.57
N ALA A 121 6.19 16.95 -3.50
CA ALA A 121 5.90 15.58 -3.97
C ALA A 121 6.30 14.57 -2.88
N LEU A 122 5.43 13.62 -2.60
CA LEU A 122 5.71 12.53 -1.64
C LEU A 122 6.57 11.50 -2.39
N PRO A 123 7.59 10.87 -1.76
CA PRO A 123 8.43 9.89 -2.45
C PRO A 123 7.78 8.49 -2.46
N ASP A 124 8.43 7.54 -3.13
CA ASP A 124 8.06 6.11 -3.22
C ASP A 124 8.16 5.40 -1.86
N ASN A 125 8.85 5.93 -0.86
CA ASN A 125 9.18 5.13 0.34
C ASN A 125 8.66 5.84 1.58
N LEU A 126 7.56 6.56 1.47
CA LEU A 126 6.93 7.13 2.70
C LEU A 126 5.62 6.38 2.85
N ALA B 1 19.86 21.02 0.04
CA ALA B 1 19.38 21.81 1.18
C ALA B 1 17.97 21.29 1.54
N ILE B 2 17.68 21.12 2.81
CA ILE B 2 16.35 20.57 3.24
C ILE B 2 15.30 21.63 2.82
N PHE B 3 14.13 21.14 2.40
CA PHE B 3 12.92 21.92 1.98
C PHE B 3 12.97 22.19 0.46
N HIS B 4 14.10 22.01 -0.18
CA HIS B 4 14.23 22.09 -1.65
C HIS B 4 13.61 20.84 -2.24
N THR B 5 13.13 20.93 -3.47
CA THR B 5 12.65 19.72 -4.20
C THR B 5 13.76 18.65 -4.12
N GLY B 6 13.42 17.41 -3.74
CA GLY B 6 14.36 16.30 -3.61
C GLY B 6 14.82 16.12 -2.18
N SER B 7 14.61 17.10 -1.31
CA SER B 7 15.02 17.08 0.10
C SER B 7 13.87 17.62 0.95
N GLU B 8 12.70 17.10 0.69
CA GLU B 8 11.47 17.46 1.44
C GLU B 8 11.55 16.87 2.84
N LEU B 9 10.92 17.53 3.78
CA LEU B 9 11.02 17.09 5.19
C LEU B 9 9.77 16.29 5.53
N PHE B 10 9.98 15.01 5.83
CA PHE B 10 8.89 14.09 6.25
C PHE B 10 9.12 13.62 7.65
N ILE B 11 8.02 13.42 8.37
CA ILE B 11 8.03 12.81 9.73
C ILE B 11 7.22 11.53 9.71
N ILE B 12 7.63 10.56 10.51
CA ILE B 12 6.91 9.32 10.80
C ILE B 12 6.77 9.21 12.29
N THR B 13 5.56 9.03 12.80
CA THR B 13 5.30 8.88 14.23
C THR B 13 4.50 7.62 14.46
N ARG B 14 4.52 7.13 15.68
CA ARG B 14 3.70 6.00 16.13
C ARG B 14 2.90 6.49 17.33
N GLY B 15 1.62 6.26 17.27
CA GLY B 15 0.70 6.61 18.32
C GLY B 15 0.33 8.09 18.32
N PRO B 16 -0.55 8.46 19.25
CA PRO B 16 -1.09 9.81 19.30
C PRO B 16 -0.07 10.79 19.89
N GLY B 17 -0.21 12.05 19.56
CA GLY B 17 0.60 13.13 20.16
C GLY B 17 0.61 14.36 19.28
N LYS B 18 1.47 15.29 19.63
CA LYS B 18 1.57 16.55 18.91
C LYS B 18 2.94 16.76 18.35
N LEU B 19 2.96 17.09 17.08
CA LEU B 19 4.15 17.59 16.40
C LEU B 19 4.08 19.10 16.41
N THR B 20 5.06 19.76 17.01
CA THR B 20 5.06 21.22 17.26
C THR B 20 6.16 21.86 16.47
N LEU B 21 5.80 22.89 15.70
CA LEU B 21 6.75 23.54 14.81
C LEU B 21 6.88 24.97 15.32
N LEU B 22 8.14 25.38 15.46
CA LEU B 22 8.56 26.79 15.78
C LEU B 22 9.18 27.36 14.53
N THR B 23 8.55 28.37 13.96
CA THR B 23 9.00 29.06 12.75
C THR B 23 9.64 30.37 13.21
N TRP B 24 10.95 30.55 12.97
CA TRP B 24 11.62 31.74 13.58
C TRP B 24 12.76 32.25 12.71
N GLY B 25 13.55 33.18 13.22
CA GLY B 25 14.52 33.91 12.43
C GLY B 25 13.91 34.64 11.25
N GLY B 26 12.75 35.23 11.47
CA GLY B 26 12.01 36.03 10.51
C GLY B 26 12.82 37.24 10.05
N LEU B 27 12.83 37.51 8.76
CA LEU B 27 13.27 38.83 8.22
C LEU B 27 12.30 39.93 8.66
N ASN B 28 12.69 41.22 8.52
CA ASN B 28 11.73 42.37 8.53
C ASN B 28 10.87 42.30 9.79
N ASN B 29 11.46 41.98 10.94
CA ASN B 29 10.73 41.97 12.23
C ASN B 29 9.54 41.00 12.26
N LEU B 30 9.50 39.96 11.42
CA LEU B 30 8.31 39.04 11.41
C LEU B 30 8.23 38.30 12.73
N ARG B 31 7.03 38.17 13.26
CA ARG B 31 6.81 37.51 14.57
C ARG B 31 7.04 35.99 14.36
N SER B 32 7.77 35.39 15.29
CA SER B 32 7.95 33.93 15.37
C SER B 32 6.60 33.25 15.66
N VAL B 33 6.43 32.02 15.15
CA VAL B 33 5.20 31.22 15.32
C VAL B 33 5.53 29.87 15.96
N ILE B 34 4.69 29.47 16.95
CA ILE B 34 4.74 28.14 17.54
C ILE B 34 3.33 27.53 17.38
N GLY B 35 3.24 26.30 16.90
CA GLY B 35 1.93 25.64 16.77
C GLY B 35 2.05 24.14 16.84
N ALA B 36 1.27 23.53 17.72
CA ALA B 36 1.18 22.08 17.89
C ALA B 36 0.15 21.51 16.94
N ILE B 37 0.50 20.43 16.25
CA ILE B 37 -0.43 19.71 15.34
C ILE B 37 -0.71 18.34 15.93
N PRO B 38 -1.94 18.09 16.41
CA PRO B 38 -2.27 16.81 17.01
C PRO B 38 -2.65 15.73 16.01
N THR B 39 -2.29 14.49 16.34
CA THR B 39 -2.81 13.28 15.71
C THR B 39 -3.43 12.43 16.82
N GLU B 40 -4.54 11.76 16.53
CA GLU B 40 -5.17 10.77 17.45
C GLU B 40 -4.95 9.35 16.93
N ASN B 41 -4.23 9.19 15.84
CA ASN B 41 -3.89 7.87 15.25
C ASN B 41 -3.20 6.99 16.30
N THR B 42 -3.63 5.73 16.44
CA THR B 42 -2.90 4.80 17.33
C THR B 42 -1.77 4.16 16.55
N GLY B 43 -1.80 4.18 15.22
CA GLY B 43 -0.75 3.57 14.41
C GLY B 43 0.31 4.53 13.92
N VAL B 44 0.81 4.26 12.74
CA VAL B 44 1.83 5.11 12.06
C VAL B 44 1.17 6.32 11.43
N THR B 45 1.70 7.50 11.67
CA THR B 45 1.28 8.71 10.95
C THR B 45 2.48 9.19 10.16
N LYS B 46 2.28 9.48 8.90
CA LYS B 46 3.28 10.10 8.03
C LYS B 46 2.91 11.59 7.92
N TRP B 47 3.88 12.45 7.87
CA TRP B 47 3.69 13.92 7.88
C TRP B 47 4.57 14.61 6.86
N ALA B 48 4.10 15.76 6.38
CA ALA B 48 4.93 16.67 5.58
C ALA B 48 5.08 17.93 6.42
N VAL B 49 6.32 18.37 6.58
CA VAL B 49 6.66 19.61 7.29
C VAL B 49 7.19 20.61 6.27
N SER B 50 6.55 21.79 6.28
CA SER B 50 6.91 22.88 5.37
C SER B 50 7.59 23.98 6.18
N PHE B 51 8.43 24.72 5.49
CA PHE B 51 8.91 26.05 5.96
C PHE B 51 7.83 27.10 5.61
N SER B 52 8.03 28.34 6.04
CA SER B 52 7.29 29.54 5.58
C SER B 52 8.30 30.45 4.91
N HIS B 53 7.95 31.01 3.77
CA HIS B 53 8.80 32.06 3.17
C HIS B 53 9.10 33.15 4.21
N ASN B 54 10.30 33.71 4.09
CA ASN B 54 10.81 34.87 4.85
C ASN B 54 11.24 34.49 6.25
N TYR B 55 11.34 33.20 6.59
CA TYR B 55 11.93 32.76 7.86
C TYR B 55 13.20 31.96 7.61
N THR B 56 14.13 31.96 8.57
CA THR B 56 15.47 31.37 8.36
C THR B 56 15.74 30.23 9.36
N ARG B 57 14.82 29.93 10.26
CA ARG B 57 15.00 28.92 11.31
C ARG B 57 13.69 28.11 11.46
N PHE B 58 13.80 26.78 11.49
CA PHE B 58 12.63 25.87 11.67
C PHE B 58 12.99 24.79 12.65
N SER B 59 12.28 24.75 13.78
CA SER B 59 12.62 23.83 14.87
C SER B 59 11.34 23.08 15.24
N PHE B 60 11.45 21.80 15.52
CA PHE B 60 10.25 21.01 15.84
C PHE B 60 10.59 19.97 16.89
N ILE B 61 9.57 19.57 17.61
CA ILE B 61 9.64 18.48 18.57
C ILE B 61 8.40 17.60 18.39
N TRP B 62 8.50 16.39 18.88
CA TRP B 62 7.37 15.47 19.05
C TRP B 62 7.11 15.36 20.52
N GLU B 63 5.89 15.64 20.91
CA GLU B 63 5.45 15.64 22.31
C GLU B 63 4.72 14.36 22.64
N GLY B 64 4.49 13.47 21.66
CA GLY B 64 3.87 12.17 21.98
C GLY B 64 4.83 11.15 22.59
N GLN B 65 4.28 10.17 23.27
CA GLN B 65 5.00 9.13 24.00
C GLN B 65 5.64 8.16 23.06
N GLY B 66 5.12 7.96 21.84
CA GLY B 66 5.66 6.93 20.90
C GLY B 66 6.81 7.47 20.10
N GLU B 67 7.44 6.68 19.26
CA GLU B 67 8.59 7.08 18.45
C GLU B 67 8.21 8.16 17.42
N ALA B 68 9.21 8.92 17.00
CA ALA B 68 9.10 9.93 15.95
C ALA B 68 10.46 10.07 15.27
N CYS B 69 10.48 9.96 13.96
CA CYS B 69 11.66 10.06 13.10
C CYS B 69 11.38 10.98 11.92
N TYR B 70 12.43 11.56 11.35
CA TYR B 70 12.34 12.33 10.13
C TYR B 70 13.05 11.58 9.03
N GLN B 71 12.64 11.87 7.78
CA GLN B 71 13.21 11.36 6.56
C GLN B 71 13.32 12.51 5.59
N ILE B 72 14.45 12.58 4.87
CA ILE B 72 14.70 13.67 3.92
C ILE B 72 14.49 13.13 2.53
N GLY B 73 13.54 13.71 1.80
CA GLY B 73 13.25 13.29 0.43
C GLY B 73 12.91 11.79 0.41
N ASN B 74 13.44 11.10 -0.59
CA ASN B 74 13.27 9.64 -0.74
C ASN B 74 14.45 8.89 -0.10
N GLY B 75 15.17 9.52 0.78
CA GLY B 75 16.29 8.90 1.51
C GLY B 75 15.75 7.79 2.34
N LEU B 76 16.57 6.78 2.64
CA LEU B 76 16.09 5.61 3.44
C LEU B 76 16.21 5.86 4.92
N THR B 77 17.09 6.75 5.35
CA THR B 77 17.42 6.98 6.74
C THR B 77 16.23 7.60 7.42
N ARG B 78 15.92 7.14 8.62
CA ARG B 78 14.92 7.73 9.50
C ARG B 78 15.59 7.90 10.85
N SER B 79 15.61 9.12 11.37
CA SER B 79 16.34 9.48 12.62
C SER B 79 15.43 10.16 13.60
N PRO B 80 15.61 9.91 14.91
CA PRO B 80 14.75 10.48 15.93
C PRO B 80 14.64 12.00 15.90
N VAL B 81 13.40 12.43 16.09
CA VAL B 81 13.02 13.85 16.19
C VAL B 81 13.25 14.26 17.65
N GLY B 82 13.59 15.52 17.86
CA GLY B 82 13.76 15.99 19.25
C GLY B 82 12.48 15.98 20.03
N ARG B 83 12.56 15.84 21.35
CA ARG B 83 11.35 15.61 22.20
C ARG B 83 11.28 16.73 23.26
N SER B 84 12.13 17.75 23.21
CA SER B 84 11.94 18.98 24.04
C SER B 84 12.68 20.12 23.37
N TRP B 85 12.29 21.35 23.66
CA TRP B 85 12.86 22.53 22.97
C TRP B 85 14.35 22.68 23.28
N SER B 86 14.86 22.18 24.40
CA SER B 86 16.31 22.31 24.71
C SER B 86 17.11 21.41 23.80
N SER B 87 16.49 20.35 23.22
CA SER B 87 17.10 19.43 22.24
C SER B 87 16.21 19.30 20.99
N SER B 88 15.72 20.41 20.47
CA SER B 88 14.80 20.48 19.32
C SER B 88 15.49 19.91 18.11
N SER B 89 14.74 19.35 17.16
CA SER B 89 15.22 19.18 15.79
C SER B 89 15.24 20.55 15.14
N THR B 90 16.33 20.99 14.51
CA THR B 90 16.40 22.38 14.01
C THR B 90 17.03 22.37 12.65
N ILE B 91 16.50 23.19 11.76
CA ILE B 91 17.09 23.39 10.41
C ILE B 91 17.40 24.89 10.30
N HIS B 92 18.64 25.21 10.03
CA HIS B 92 19.09 26.54 9.57
C HIS B 92 18.84 26.58 8.07
N TRP B 93 18.06 27.57 7.65
CA TRP B 93 17.67 27.71 6.23
C TRP B 93 18.92 27.59 5.36
N GLY B 94 18.94 26.66 4.43
CA GLY B 94 20.05 26.41 3.49
C GLY B 94 20.87 25.19 3.88
N SER B 95 20.76 24.73 5.12
CA SER B 95 21.46 23.53 5.60
C SER B 95 20.85 22.26 4.98
N SER B 96 21.65 21.23 4.75
CA SER B 96 21.23 19.86 4.35
C SER B 96 21.07 18.98 5.58
N THR B 97 21.19 19.51 6.79
CA THR B 97 21.22 18.66 8.01
C THR B 97 20.23 19.15 9.02
N VAL B 98 19.58 18.22 9.71
CA VAL B 98 18.76 18.52 10.91
C VAL B 98 19.68 18.40 12.11
N ILE B 99 19.88 19.46 12.87
CA ILE B 99 20.77 19.51 14.06
C ILE B 99 19.89 19.53 15.30
N THR B 100 20.45 19.23 16.44
CA THR B 100 19.81 19.35 17.73
C THR B 100 20.18 20.73 18.27
N GLU B 101 19.19 21.56 18.62
CA GLU B 101 19.47 22.98 18.99
C GLU B 101 18.52 23.36 20.11
N ASP B 102 19.03 24.10 21.08
CA ASP B 102 18.22 24.62 22.19
C ASP B 102 17.59 25.90 21.75
N VAL B 103 16.26 25.91 21.64
CA VAL B 103 15.52 27.10 21.17
C VAL B 103 14.57 27.49 22.30
N THR B 104 14.83 27.08 23.55
CA THR B 104 14.00 27.50 24.72
C THR B 104 13.90 29.04 24.78
N SER B 105 14.92 29.79 24.30
CA SER B 105 14.97 31.26 24.42
C SER B 105 14.01 31.89 23.39
N VAL B 106 13.65 31.14 22.35
CA VAL B 106 12.84 31.64 21.20
C VAL B 106 11.35 31.44 21.55
N VAL B 107 11.01 30.38 22.26
CA VAL B 107 9.61 29.88 22.42
C VAL B 107 8.71 30.96 23.04
N PRO B 108 9.08 31.62 24.16
CA PRO B 108 8.13 32.49 24.84
C PRO B 108 7.71 33.69 24.00
N GLY B 109 8.52 34.11 23.03
CA GLY B 109 8.19 35.27 22.18
C GLY B 109 7.30 34.89 20.98
N ALA B 110 7.13 33.58 20.71
CA ALA B 110 6.44 33.14 19.47
C ALA B 110 4.93 33.34 19.68
N VAL B 111 4.19 33.65 18.63
CA VAL B 111 2.70 33.65 18.72
C VAL B 111 2.15 32.22 18.53
N ASN B 112 1.14 31.86 19.29
CA ASN B 112 0.53 30.51 19.24
C ASN B 112 -0.40 30.37 18.04
N ARG B 113 -0.16 29.36 17.22
CA ARG B 113 -0.96 29.01 16.02
C ARG B 113 -1.24 27.50 16.00
N ASP B 114 -1.65 27.00 17.16
CA ASP B 114 -1.98 25.57 17.35
C ASP B 114 -3.06 25.19 16.30
N LYS B 115 -2.85 24.06 15.65
CA LYS B 115 -3.71 23.48 14.58
C LYS B 115 -3.73 24.34 13.33
N VAL B 116 -2.87 25.34 13.22
CA VAL B 116 -2.80 26.21 12.01
C VAL B 116 -1.35 26.63 11.78
N THR B 117 -0.44 25.67 11.68
CA THR B 117 0.94 25.93 11.22
C THR B 117 1.29 24.90 10.15
N THR B 118 2.50 24.98 9.63
CA THR B 118 2.88 24.36 8.35
C THR B 118 3.43 22.92 8.56
N ALA B 119 2.71 22.11 9.30
CA ALA B 119 3.01 20.67 9.45
C ALA B 119 1.71 19.91 9.30
N TYR B 120 1.72 18.85 8.51
CA TYR B 120 0.46 18.21 8.05
C TYR B 120 0.58 16.69 8.16
N ALA B 121 -0.38 16.09 8.87
CA ALA B 121 -0.55 14.62 8.88
C ALA B 121 -1.19 14.17 7.57
N LEU B 122 -0.62 13.16 6.92
CA LEU B 122 -1.21 12.61 5.68
C LEU B 122 -2.40 11.74 6.08
N PRO B 123 -3.49 11.71 5.30
CA PRO B 123 -4.69 10.93 5.69
C PRO B 123 -4.54 9.46 5.29
N ASP B 124 -5.51 8.63 5.66
CA ASP B 124 -5.60 7.20 5.27
C ASP B 124 -5.87 6.98 3.77
N ASN B 125 -6.29 7.98 3.03
CA ASN B 125 -6.78 7.78 1.63
C ASN B 125 -5.98 8.66 0.69
N LEU B 126 -4.70 8.84 0.93
CA LEU B 126 -3.82 9.53 -0.05
C LEU B 126 -2.85 8.49 -0.56
N ALA C 1 -21.87 -19.03 -1.72
CA ALA C 1 -21.98 -19.14 -3.19
C ALA C 1 -21.12 -18.03 -3.80
N ILE C 2 -20.34 -18.34 -4.81
CA ILE C 2 -19.47 -17.33 -5.46
C ILE C 2 -20.38 -16.26 -6.03
N PHE C 3 -19.92 -15.01 -5.96
CA PHE C 3 -20.55 -13.76 -6.50
C PHE C 3 -21.48 -13.15 -5.46
N HIS C 4 -21.71 -13.86 -4.34
CA HIS C 4 -22.44 -13.30 -3.20
C HIS C 4 -21.46 -12.41 -2.46
N THR C 5 -21.96 -11.44 -1.73
CA THR C 5 -21.15 -10.64 -0.78
C THR C 5 -20.39 -11.62 0.10
N GLY C 6 -19.07 -11.41 0.26
CA GLY C 6 -18.17 -12.28 1.03
C GLY C 6 -17.50 -13.32 0.18
N SER C 7 -18.00 -13.58 -1.04
CA SER C 7 -17.47 -14.62 -1.95
C SER C 7 -17.32 -14.03 -3.34
N GLU C 8 -16.83 -12.80 -3.41
CA GLU C 8 -16.59 -12.07 -4.65
C GLU C 8 -15.47 -12.76 -5.44
N LEU C 9 -15.53 -12.65 -6.76
CA LEU C 9 -14.54 -13.38 -7.60
C LEU C 9 -13.45 -12.41 -8.01
N PHE C 10 -12.22 -12.67 -7.56
CA PHE C 10 -11.04 -11.89 -7.93
C PHE C 10 -10.04 -12.76 -8.68
N ILE C 11 -9.30 -12.11 -9.56
CA ILE C 11 -8.21 -12.74 -10.34
C ILE C 11 -6.93 -11.94 -10.09
N ILE C 12 -5.82 -12.65 -10.04
CA ILE C 12 -4.48 -12.03 -9.95
C ILE C 12 -3.66 -12.62 -11.09
N THR C 13 -3.10 -11.76 -11.94
CA THR C 13 -2.26 -12.23 -13.05
C THR C 13 -0.91 -11.58 -12.99
N ARG C 14 0.07 -12.20 -13.64
CA ARG C 14 1.39 -11.58 -13.84
C ARG C 14 1.66 -11.40 -15.34
N GLY C 15 2.11 -10.22 -15.71
CA GLY C 15 2.52 -9.93 -17.09
C GLY C 15 1.32 -9.63 -17.98
N PRO C 16 1.60 -9.28 -19.24
CA PRO C 16 0.56 -8.93 -20.19
C PRO C 16 -0.22 -10.19 -20.64
N GLY C 17 -1.46 -9.97 -21.05
CA GLY C 17 -2.29 -11.03 -21.61
C GLY C 17 -3.76 -10.62 -21.61
N LYS C 18 -4.64 -11.58 -21.82
CA LYS C 18 -6.08 -11.29 -21.85
C LYS C 18 -6.82 -12.25 -20.96
N LEU C 19 -7.70 -11.72 -20.16
CA LEU C 19 -8.70 -12.50 -19.42
C LEU C 19 -9.97 -12.47 -20.26
N THR C 20 -10.50 -13.64 -20.62
CA THR C 20 -11.77 -13.76 -21.38
C THR C 20 -12.86 -14.35 -20.52
N LEU C 21 -14.00 -13.70 -20.51
CA LEU C 21 -15.19 -14.21 -19.81
C LEU C 21 -16.25 -14.62 -20.82
N LEU C 22 -16.80 -15.79 -20.59
CA LEU C 22 -17.94 -16.39 -21.34
C LEU C 22 -19.13 -16.44 -20.38
N THR C 23 -20.13 -15.62 -20.66
CA THR C 23 -21.38 -15.55 -19.87
C THR C 23 -22.44 -16.37 -20.62
N TRP C 24 -22.98 -17.42 -20.03
CA TRP C 24 -23.87 -18.32 -20.78
C TRP C 24 -24.90 -18.98 -19.85
N GLY C 25 -25.65 -19.95 -20.39
CA GLY C 25 -26.76 -20.55 -19.63
C GLY C 25 -27.82 -19.51 -19.35
N GLY C 26 -28.02 -18.59 -20.29
CA GLY C 26 -29.00 -17.50 -20.15
C GLY C 26 -30.42 -18.04 -20.07
N LEU C 27 -31.22 -17.51 -19.16
CA LEU C 27 -32.68 -17.73 -19.15
C LEU C 27 -33.33 -17.06 -20.37
N ASN C 28 -34.57 -17.47 -20.72
CA ASN C 28 -35.42 -16.84 -21.76
C ASN C 28 -34.61 -16.58 -23.05
N ASN C 29 -33.81 -17.53 -23.46
CA ASN C 29 -33.06 -17.47 -24.73
C ASN C 29 -32.11 -16.25 -24.81
N LEU C 30 -31.61 -15.73 -23.68
CA LEU C 30 -30.64 -14.60 -23.74
C LEU C 30 -29.37 -15.08 -24.44
N ARG C 31 -28.83 -14.26 -25.35
CA ARG C 31 -27.62 -14.67 -26.10
C ARG C 31 -26.41 -14.71 -25.14
N SER C 32 -25.63 -15.77 -25.28
CA SER C 32 -24.30 -15.93 -24.63
C SER C 32 -23.34 -14.83 -25.07
N VAL C 33 -22.42 -14.43 -24.17
CA VAL C 33 -21.42 -13.38 -24.42
C VAL C 33 -20.03 -13.93 -24.18
N ILE C 34 -19.12 -13.60 -25.07
CA ILE C 34 -17.67 -13.82 -24.90
C ILE C 34 -16.95 -12.50 -25.10
N GLY C 35 -16.10 -12.12 -24.15
CA GLY C 35 -15.33 -10.86 -24.26
C GLY C 35 -13.98 -10.99 -23.62
N ALA C 36 -12.95 -10.64 -24.35
CA ALA C 36 -11.55 -10.58 -23.88
C ALA C 36 -11.26 -9.19 -23.29
N ILE C 37 -10.64 -9.17 -22.11
CA ILE C 37 -10.14 -7.92 -21.47
C ILE C 37 -8.62 -7.99 -21.44
N PRO C 38 -7.92 -7.14 -22.20
CA PRO C 38 -6.47 -7.16 -22.18
C PRO C 38 -5.87 -6.30 -21.06
N THR C 39 -4.72 -6.70 -20.55
CA THR C 39 -3.79 -5.87 -19.77
C THR C 39 -2.44 -5.88 -20.47
N GLU C 40 -1.71 -4.77 -20.43
CA GLU C 40 -0.31 -4.68 -20.89
C GLU C 40 0.61 -4.52 -19.69
N ASN C 41 0.08 -4.60 -18.46
CA ASN C 41 0.91 -4.49 -17.24
C ASN C 41 2.04 -5.54 -17.30
N THR C 42 3.26 -5.14 -16.95
CA THR C 42 4.41 -6.08 -16.90
C THR C 42 4.38 -6.83 -15.58
N GLY C 43 3.74 -6.29 -14.57
CA GLY C 43 3.72 -6.92 -13.23
C GLY C 43 2.40 -7.59 -12.91
N VAL C 44 1.99 -7.48 -11.68
CA VAL C 44 0.75 -8.04 -11.12
C VAL C 44 -0.45 -7.16 -11.54
N THR C 45 -1.49 -7.77 -12.05
CA THR C 45 -2.78 -7.10 -12.28
C THR C 45 -3.79 -7.77 -11.39
N LYS C 46 -4.60 -6.97 -10.71
CA LYS C 46 -5.69 -7.48 -9.87
C LYS C 46 -6.98 -7.21 -10.62
N TRP C 47 -7.93 -8.14 -10.52
CA TRP C 47 -9.17 -8.07 -11.34
C TRP C 47 -10.37 -8.39 -10.48
N ALA C 48 -11.48 -7.69 -10.73
CA ALA C 48 -12.80 -8.15 -10.26
C ALA C 48 -13.62 -8.69 -11.42
N VAL C 49 -14.20 -9.86 -11.22
CA VAL C 49 -15.03 -10.55 -12.21
C VAL C 49 -16.45 -10.61 -11.66
N SER C 50 -17.38 -10.06 -12.44
CA SER C 50 -18.82 -10.03 -12.12
C SER C 50 -19.54 -11.06 -12.97
N PHE C 51 -20.65 -11.54 -12.45
CA PHE C 51 -21.71 -12.22 -13.20
C PHE C 51 -22.60 -11.15 -13.86
N SER C 52 -23.51 -11.60 -14.72
CA SER C 52 -24.68 -10.83 -15.24
C SER C 52 -25.93 -11.50 -14.69
N HIS C 53 -26.89 -10.72 -14.19
CA HIS C 53 -28.21 -11.22 -13.83
C HIS C 53 -28.80 -11.95 -15.04
N ASN C 54 -29.54 -12.99 -14.75
CA ASN C 54 -30.31 -13.83 -15.73
C ASN C 54 -29.40 -14.85 -16.39
N TYR C 55 -28.15 -15.03 -15.98
CA TYR C 55 -27.31 -16.12 -16.56
C TYR C 55 -26.91 -17.11 -15.49
N THR C 56 -26.73 -18.38 -15.85
CA THR C 56 -26.47 -19.47 -14.88
C THR C 56 -25.09 -20.10 -15.02
N ARG C 57 -24.30 -19.68 -15.99
CA ARG C 57 -22.95 -20.20 -16.27
C ARG C 57 -21.99 -19.06 -16.54
N PHE C 58 -20.81 -19.12 -15.92
CA PHE C 58 -19.72 -18.15 -16.11
C PHE C 58 -18.41 -18.91 -16.19
N SER C 59 -17.70 -18.75 -17.29
CA SER C 59 -16.48 -19.52 -17.62
C SER C 59 -15.41 -18.52 -18.04
N PHE C 60 -14.17 -18.71 -17.61
CA PHE C 60 -13.11 -17.74 -17.94
C PHE C 60 -11.78 -18.45 -18.13
N ILE C 61 -10.94 -17.83 -18.93
CA ILE C 61 -9.58 -18.33 -19.17
C ILE C 61 -8.63 -17.16 -19.17
N TRP C 62 -7.36 -17.46 -18.95
CA TRP C 62 -6.28 -16.46 -19.08
C TRP C 62 -5.41 -16.91 -20.23
N GLU C 63 -5.10 -16.01 -21.16
CA GLU C 63 -4.13 -16.24 -22.24
C GLU C 63 -2.99 -15.29 -22.01
N GLY C 64 -1.88 -15.81 -21.53
CA GLY C 64 -0.69 -14.99 -21.29
C GLY C 64 0.46 -15.90 -21.01
N GLN C 65 1.68 -15.39 -21.09
CA GLN C 65 2.88 -16.17 -20.68
C GLN C 65 2.83 -16.37 -19.14
N GLY C 66 2.30 -15.42 -18.38
CA GLY C 66 2.49 -15.42 -16.92
C GLY C 66 1.39 -16.14 -16.20
N GLU C 67 1.53 -16.26 -14.87
CA GLU C 67 0.57 -17.00 -14.03
C GLU C 67 -0.77 -16.26 -13.93
N ALA C 68 -1.83 -16.97 -13.58
CA ALA C 68 -3.14 -16.40 -13.27
C ALA C 68 -3.82 -17.31 -12.25
N CYS C 69 -4.27 -16.70 -11.15
CA CYS C 69 -4.94 -17.38 -10.04
C CYS C 69 -6.23 -16.64 -9.70
N TYR C 70 -7.18 -17.35 -9.14
CA TYR C 70 -8.39 -16.72 -8.59
C TYR C 70 -8.33 -16.80 -7.07
N GLN C 71 -9.04 -15.88 -6.42
CA GLN C 71 -9.24 -15.77 -4.99
C GLN C 71 -10.73 -15.46 -4.77
N ILE C 72 -11.34 -16.10 -3.78
CA ILE C 72 -12.77 -15.92 -3.44
C ILE C 72 -12.83 -15.04 -2.20
N GLY C 73 -13.47 -13.89 -2.34
CA GLY C 73 -13.65 -12.97 -1.22
C GLY C 73 -12.30 -12.56 -0.67
N ASN C 74 -12.23 -12.45 0.64
CA ASN C 74 -10.99 -12.10 1.35
C ASN C 74 -10.29 -13.40 1.81
N GLY C 75 -10.66 -14.52 1.24
CA GLY C 75 -9.98 -15.81 1.48
C GLY C 75 -8.53 -15.71 1.01
N LEU C 76 -7.68 -16.53 1.62
CA LEU C 76 -6.21 -16.45 1.38
C LEU C 76 -5.78 -17.26 0.17
N THR C 77 -6.50 -18.34 -0.14
CA THR C 77 -6.03 -19.31 -1.16
C THR C 77 -6.07 -18.63 -2.52
N ARG C 78 -5.08 -18.87 -3.34
CA ARG C 78 -5.08 -18.44 -4.76
C ARG C 78 -4.70 -19.66 -5.61
N SER C 79 -5.51 -20.00 -6.59
CA SER C 79 -5.43 -21.26 -7.35
C SER C 79 -5.48 -20.95 -8.84
N PRO C 80 -4.87 -21.80 -9.67
CA PRO C 80 -4.73 -21.50 -11.10
C PRO C 80 -6.07 -21.41 -11.86
N VAL C 81 -6.10 -20.49 -12.78
CA VAL C 81 -7.22 -20.23 -13.73
C VAL C 81 -7.00 -21.09 -14.96
N GLY C 82 -8.05 -21.59 -15.57
CA GLY C 82 -7.96 -22.34 -16.85
C GLY C 82 -7.33 -21.50 -17.95
N ARG C 83 -6.71 -22.15 -18.92
CA ARG C 83 -5.91 -21.46 -19.99
C ARG C 83 -6.48 -21.81 -21.36
N SER C 84 -7.56 -22.60 -21.45
CA SER C 84 -8.24 -22.85 -22.74
C SER C 84 -9.69 -23.23 -22.47
N TRP C 85 -10.54 -23.00 -23.45
CA TRP C 85 -11.99 -23.27 -23.30
C TRP C 85 -12.29 -24.74 -23.02
N SER C 86 -11.43 -25.66 -23.49
CA SER C 86 -11.68 -27.11 -23.21
C SER C 86 -11.43 -27.43 -21.74
N SER C 87 -10.69 -26.59 -21.02
CA SER C 87 -10.49 -26.75 -19.55
C SER C 87 -10.66 -25.38 -18.86
N SER C 88 -11.77 -24.71 -19.16
CA SER C 88 -12.11 -23.36 -18.61
C SER C 88 -12.25 -23.46 -17.10
N SER C 89 -11.97 -22.37 -16.38
CA SER C 89 -12.52 -22.16 -15.03
C SER C 89 -14.01 -21.89 -15.19
N THR C 90 -14.87 -22.59 -14.46
CA THR C 90 -16.31 -22.46 -14.70
C THR C 90 -16.98 -22.37 -13.34
N ILE C 91 -17.99 -21.54 -13.25
CA ILE C 91 -18.87 -21.43 -12.07
C ILE C 91 -20.30 -21.72 -12.53
N HIS C 92 -20.90 -22.70 -11.91
CA HIS C 92 -22.33 -22.97 -11.96
C HIS C 92 -22.98 -22.01 -10.98
N TRP C 93 -23.91 -21.21 -11.45
CA TRP C 93 -24.59 -20.20 -10.61
C TRP C 93 -25.11 -20.94 -9.37
N GLY C 94 -24.72 -20.49 -8.18
CA GLY C 94 -25.18 -21.10 -6.91
C GLY C 94 -24.03 -21.87 -6.26
N SER C 95 -23.03 -22.27 -7.03
CA SER C 95 -21.89 -23.08 -6.54
C SER C 95 -20.94 -22.21 -5.70
N SER C 96 -20.31 -22.81 -4.68
CA SER C 96 -19.24 -22.15 -3.91
C SER C 96 -17.87 -22.52 -4.47
N THR C 97 -17.80 -23.25 -5.58
CA THR C 97 -16.54 -23.82 -6.07
C THR C 97 -16.35 -23.44 -7.53
N VAL C 98 -15.12 -23.18 -7.94
CA VAL C 98 -14.71 -23.05 -9.36
C VAL C 98 -14.32 -24.43 -9.87
N ILE C 99 -14.95 -24.92 -10.94
CA ILE C 99 -14.69 -26.29 -11.47
C ILE C 99 -14.04 -26.14 -12.84
N THR C 100 -13.55 -27.25 -13.42
CA THR C 100 -13.00 -27.20 -14.79
C THR C 100 -14.10 -27.69 -15.69
N GLU C 101 -14.42 -26.96 -16.76
CA GLU C 101 -15.48 -27.43 -17.69
C GLU C 101 -15.08 -27.10 -19.13
N ASP C 102 -15.35 -28.03 -20.04
CA ASP C 102 -15.16 -27.82 -21.49
C ASP C 102 -16.38 -27.08 -21.98
N VAL C 103 -16.19 -25.85 -22.45
CA VAL C 103 -17.32 -25.03 -22.96
C VAL C 103 -17.01 -24.69 -24.42
N THR C 104 -16.18 -25.48 -25.13
CA THR C 104 -15.89 -25.28 -26.58
C THR C 104 -17.18 -25.27 -27.40
N SER C 105 -18.23 -25.96 -26.97
CA SER C 105 -19.50 -26.09 -27.73
C SER C 105 -20.31 -24.81 -27.55
N VAL C 106 -20.05 -24.03 -26.50
CA VAL C 106 -20.82 -22.81 -26.13
C VAL C 106 -20.22 -21.61 -26.90
N VAL C 107 -18.91 -21.62 -27.08
CA VAL C 107 -18.15 -20.44 -27.60
C VAL C 107 -18.68 -19.97 -28.94
N PRO C 108 -18.88 -20.84 -29.96
CA PRO C 108 -19.23 -20.36 -31.29
C PRO C 108 -20.53 -19.58 -31.35
N GLY C 109 -21.47 -19.87 -30.45
CA GLY C 109 -22.78 -19.19 -30.44
C GLY C 109 -22.75 -17.85 -29.74
N ALA C 110 -21.66 -17.52 -29.02
CA ALA C 110 -21.64 -16.34 -28.14
C ALA C 110 -21.47 -15.11 -28.98
N VAL C 111 -22.05 -13.99 -28.57
CA VAL C 111 -21.73 -12.69 -29.23
C VAL C 111 -20.43 -12.10 -28.65
N ASN C 112 -19.61 -11.50 -29.49
CA ASN C 112 -18.30 -10.94 -29.08
C ASN C 112 -18.52 -9.54 -28.47
N ARG C 113 -18.02 -9.36 -27.26
CA ARG C 113 -18.09 -8.10 -26.49
C ARG C 113 -16.71 -7.83 -25.88
N ASP C 114 -15.68 -7.94 -26.71
CA ASP C 114 -14.28 -7.66 -26.32
C ASP C 114 -14.21 -6.23 -25.77
N LYS C 115 -13.58 -6.06 -24.61
CA LYS C 115 -13.36 -4.82 -23.87
C LYS C 115 -14.66 -4.24 -23.33
N VAL C 116 -15.77 -4.97 -23.39
CA VAL C 116 -17.07 -4.52 -22.83
C VAL C 116 -17.82 -5.73 -22.26
N THR C 117 -17.18 -6.51 -21.40
CA THR C 117 -17.85 -7.54 -20.59
C THR C 117 -17.47 -7.31 -19.11
N THR C 118 -17.96 -8.18 -18.24
CA THR C 118 -18.09 -7.91 -16.79
C THR C 118 -16.87 -8.41 -16.02
N ALA C 119 -15.68 -8.10 -16.51
CA ALA C 119 -14.40 -8.40 -15.86
C ALA C 119 -13.54 -7.14 -15.99
N TYR C 120 -12.95 -6.73 -14.90
CA TYR C 120 -12.33 -5.41 -14.78
C TYR C 120 -10.94 -5.53 -14.13
N ALA C 121 -9.93 -4.97 -14.78
CA ALA C 121 -8.61 -4.73 -14.21
C ALA C 121 -8.70 -3.53 -13.23
N LEU C 122 -8.14 -3.67 -12.06
CA LEU C 122 -8.11 -2.56 -11.07
C LEU C 122 -6.99 -1.61 -11.44
N PRO C 123 -7.18 -0.29 -11.30
CA PRO C 123 -6.14 0.67 -11.66
C PRO C 123 -5.09 0.83 -10.56
N ASP C 124 -4.03 1.56 -10.89
CA ASP C 124 -2.91 1.93 -9.98
C ASP C 124 -3.36 2.91 -8.89
N ASN C 125 -4.49 3.58 -9.01
CA ASN C 125 -4.83 4.69 -8.08
C ASN C 125 -6.16 4.37 -7.41
N LEU C 126 -6.51 3.10 -7.22
CA LEU C 126 -7.66 2.79 -6.36
C LEU C 126 -7.14 2.23 -5.05
N ALA D 1 -16.94 5.23 -22.98
CA ALA D 1 -18.22 4.83 -22.37
C ALA D 1 -17.88 4.15 -21.04
N ILE D 2 -18.61 4.45 -19.99
CA ILE D 2 -18.41 3.77 -18.68
C ILE D 2 -18.69 2.30 -18.88
N PHE D 3 -17.93 1.47 -18.20
CA PHE D 3 -18.02 -0.02 -18.14
C PHE D 3 -17.11 -0.65 -19.19
N HIS D 4 -16.67 0.13 -20.19
CA HIS D 4 -15.67 -0.34 -21.17
C HIS D 4 -14.30 -0.43 -20.46
N THR D 5 -13.42 -1.30 -20.99
CA THR D 5 -12.03 -1.35 -20.49
C THR D 5 -11.48 0.08 -20.51
N GLY D 6 -10.83 0.55 -19.43
CA GLY D 6 -10.29 1.92 -19.35
C GLY D 6 -11.26 2.88 -18.68
N SER D 7 -12.56 2.53 -18.55
CA SER D 7 -13.59 3.40 -17.96
C SER D 7 -14.45 2.57 -16.99
N GLU D 8 -13.79 1.75 -16.19
CA GLU D 8 -14.42 0.89 -15.19
C GLU D 8 -15.05 1.75 -14.10
N LEU D 9 -16.13 1.28 -13.50
CA LEU D 9 -16.79 2.09 -12.45
C LEU D 9 -16.32 1.63 -11.09
N PHE D 10 -15.65 2.54 -10.36
CA PHE D 10 -15.18 2.27 -8.98
C PHE D 10 -15.90 3.21 -8.02
N ILE D 11 -16.08 2.73 -6.79
CA ILE D 11 -16.63 3.58 -5.70
C ILE D 11 -15.62 3.57 -4.54
N ILE D 12 -15.58 4.65 -3.80
CA ILE D 12 -14.81 4.79 -2.55
C ILE D 12 -15.77 5.29 -1.49
N THR D 13 -15.85 4.61 -0.34
CA THR D 13 -16.74 5.05 0.75
C THR D 13 -15.93 5.14 2.02
N ARG D 14 -16.44 5.90 2.99
CA ARG D 14 -15.91 5.91 4.34
C ARG D 14 -16.98 5.45 5.32
N GLY D 15 -16.62 4.54 6.18
CA GLY D 15 -17.47 4.12 7.30
C GLY D 15 -18.44 3.04 6.84
N PRO D 16 -19.23 2.53 7.77
CA PRO D 16 -20.20 1.46 7.44
C PRO D 16 -21.38 2.03 6.65
N GLY D 17 -22.02 1.15 5.86
CA GLY D 17 -23.26 1.53 5.17
C GLY D 17 -23.58 0.54 4.08
N LYS D 18 -24.48 0.92 3.18
CA LYS D 18 -24.83 -0.01 2.09
C LYS D 18 -24.81 0.73 0.79
N LEU D 19 -24.17 0.12 -0.19
CA LEU D 19 -24.20 0.56 -1.57
C LEU D 19 -25.32 -0.27 -2.24
N THR D 20 -26.28 0.36 -2.85
CA THR D 20 -27.43 -0.30 -3.53
C THR D 20 -27.38 -0.04 -5.02
N LEU D 21 -27.45 -1.11 -5.81
CA LEU D 21 -27.43 -0.99 -7.27
C LEU D 21 -28.83 -1.43 -7.77
N LEU D 22 -29.34 -0.65 -8.70
CA LEU D 22 -30.64 -0.87 -9.42
C LEU D 22 -30.28 -1.07 -10.88
N THR D 23 -30.54 -2.27 -11.36
CA THR D 23 -30.25 -2.70 -12.75
C THR D 23 -31.58 -2.65 -13.51
N TRP D 24 -31.70 -1.80 -14.52
CA TRP D 24 -33.04 -1.65 -15.18
C TRP D 24 -32.87 -1.27 -16.64
N GLY D 25 -33.96 -0.85 -17.32
CA GLY D 25 -33.91 -0.65 -18.76
C GLY D 25 -33.60 -1.94 -19.46
N GLY D 26 -34.10 -3.08 -18.94
CA GLY D 26 -33.77 -4.38 -19.53
C GLY D 26 -34.28 -4.52 -20.96
N LEU D 27 -33.49 -5.10 -21.84
CA LEU D 27 -33.95 -5.52 -23.20
C LEU D 27 -34.81 -6.77 -23.00
N ASN D 28 -35.56 -7.19 -24.05
CA ASN D 28 -36.27 -8.50 -24.08
C ASN D 28 -37.15 -8.64 -22.82
N ASN D 29 -37.79 -7.57 -22.38
CA ASN D 29 -38.72 -7.60 -21.22
C ASN D 29 -38.04 -8.10 -19.93
N LEU D 30 -36.72 -7.92 -19.76
CA LEU D 30 -36.06 -8.41 -18.53
C LEU D 30 -36.54 -7.60 -17.35
N ARG D 31 -36.78 -8.27 -16.24
CA ARG D 31 -37.20 -7.62 -15.01
C ARG D 31 -36.02 -6.82 -14.39
N SER D 32 -36.35 -5.72 -13.79
CA SER D 32 -35.43 -4.86 -13.01
C SER D 32 -34.98 -5.55 -11.70
N VAL D 33 -33.74 -5.26 -11.30
CA VAL D 33 -33.11 -5.83 -10.07
C VAL D 33 -32.62 -4.71 -9.16
N ILE D 34 -32.84 -4.84 -7.86
CA ILE D 34 -32.33 -3.95 -6.81
C ILE D 34 -31.63 -4.80 -5.77
N GLY D 35 -30.40 -4.44 -5.38
CA GLY D 35 -29.70 -5.19 -4.32
C GLY D 35 -28.75 -4.30 -3.55
N ALA D 36 -28.88 -4.34 -2.23
CA ALA D 36 -28.03 -3.63 -1.29
C ALA D 36 -26.80 -4.51 -0.96
N ILE D 37 -25.63 -3.89 -0.99
CA ILE D 37 -24.34 -4.55 -0.60
C ILE D 37 -23.83 -3.81 0.63
N PRO D 38 -23.86 -4.42 1.82
CA PRO D 38 -23.36 -3.75 3.01
C PRO D 38 -21.85 -3.91 3.22
N THR D 39 -21.26 -2.92 3.88
CA THR D 39 -19.91 -3.03 4.47
C THR D 39 -20.05 -2.66 5.95
N GLU D 40 -19.28 -3.32 6.81
CA GLU D 40 -19.13 -2.93 8.24
C GLU D 40 -17.80 -2.19 8.46
N ASN D 41 -16.99 -1.99 7.42
CA ASN D 41 -15.66 -1.35 7.56
C ASN D 41 -15.82 0.02 8.21
N THR D 42 -14.94 0.35 9.16
CA THR D 42 -14.95 1.65 9.83
C THR D 42 -14.24 2.66 8.94
N GLY D 43 -13.33 2.23 8.08
CA GLY D 43 -12.54 3.21 7.30
C GLY D 43 -12.93 3.22 5.85
N VAL D 44 -11.95 3.26 4.97
CA VAL D 44 -12.18 3.43 3.51
C VAL D 44 -12.51 2.06 2.92
N THR D 45 -13.55 1.97 2.10
CA THR D 45 -13.83 0.74 1.33
C THR D 45 -13.78 1.10 -0.13
N LYS D 46 -13.10 0.31 -0.92
CA LYS D 46 -13.04 0.51 -2.38
C LYS D 46 -13.97 -0.56 -3.00
N TRP D 47 -14.62 -0.20 -4.10
CA TRP D 47 -15.65 -1.09 -4.71
C TRP D 47 -15.48 -1.12 -6.22
N ALA D 48 -15.80 -2.26 -6.83
CA ALA D 48 -16.02 -2.35 -8.27
C ALA D 48 -17.53 -2.54 -8.51
N VAL D 49 -18.08 -1.73 -9.41
CA VAL D 49 -19.51 -1.84 -9.81
C VAL D 49 -19.56 -2.25 -11.27
N SER D 50 -20.21 -3.38 -11.52
CA SER D 50 -20.40 -3.98 -12.85
C SER D 50 -21.81 -3.68 -13.32
N PHE D 51 -21.94 -3.64 -14.64
CA PHE D 51 -23.24 -3.77 -15.32
C PHE D 51 -23.62 -5.26 -15.40
N SER D 52 -24.83 -5.55 -15.93
CA SER D 52 -25.27 -6.89 -16.40
C SER D 52 -25.51 -6.75 -17.89
N HIS D 53 -25.05 -7.68 -18.68
CA HIS D 53 -25.43 -7.75 -20.10
C HIS D 53 -26.95 -7.68 -20.22
N ASN D 54 -27.38 -7.07 -21.33
CA ASN D 54 -28.78 -6.93 -21.75
C ASN D 54 -29.54 -5.88 -20.94
N TYR D 55 -28.90 -5.05 -20.10
CA TYR D 55 -29.61 -3.94 -19.42
C TYR D 55 -29.04 -2.61 -19.84
N THR D 56 -29.84 -1.53 -19.83
CA THR D 56 -29.40 -0.24 -20.42
C THR D 56 -29.36 0.89 -19.38
N ARG D 57 -29.74 0.62 -18.14
CA ARG D 57 -29.79 1.60 -17.04
C ARG D 57 -29.18 1.00 -15.79
N PHE D 58 -28.28 1.76 -15.16
CA PHE D 58 -27.64 1.38 -13.90
C PHE D 58 -27.65 2.58 -12.97
N SER D 59 -28.26 2.41 -11.83
CA SER D 59 -28.48 3.52 -10.85
C SER D 59 -28.00 3.00 -9.51
N PHE D 60 -27.32 3.84 -8.75
CA PHE D 60 -26.80 3.44 -7.43
C PHE D 60 -26.81 4.58 -6.45
N ILE D 61 -26.93 4.21 -5.19
CA ILE D 61 -26.89 5.17 -4.08
C ILE D 61 -26.05 4.57 -2.97
N TRP D 62 -25.54 5.45 -2.11
CA TRP D 62 -24.88 5.06 -0.86
C TRP D 62 -25.75 5.54 0.28
N GLU D 63 -26.04 4.66 1.21
CA GLU D 63 -26.77 4.99 2.45
C GLU D 63 -25.81 4.69 3.58
N GLY D 64 -25.26 5.75 4.14
CA GLY D 64 -24.33 5.66 5.28
C GLY D 64 -24.10 7.05 5.77
N GLN D 65 -23.59 7.21 6.99
CA GLN D 65 -23.25 8.56 7.53
C GLN D 65 -22.06 9.12 6.76
N GLY D 66 -21.12 8.29 6.31
CA GLY D 66 -19.88 8.77 5.69
C GLY D 66 -19.99 9.09 4.22
N GLU D 67 -18.95 9.69 3.66
CA GLU D 67 -18.88 10.15 2.26
C GLU D 67 -18.86 8.91 1.31
N ALA D 68 -19.15 9.17 0.03
CA ALA D 68 -19.04 8.15 -1.05
C ALA D 68 -18.87 8.90 -2.37
N CYS D 69 -17.85 8.51 -3.13
CA CYS D 69 -17.50 9.08 -4.42
C CYS D 69 -17.31 7.94 -5.44
N TYR D 70 -17.45 8.27 -6.70
CA TYR D 70 -17.08 7.34 -7.78
C TYR D 70 -15.84 7.87 -8.47
N GLN D 71 -15.12 6.93 -9.08
CA GLN D 71 -13.97 7.21 -9.96
C GLN D 71 -14.15 6.36 -11.21
N ILE D 72 -13.84 6.92 -12.36
CA ILE D 72 -13.94 6.20 -13.64
C ILE D 72 -12.54 5.81 -14.09
N GLY D 73 -12.32 4.50 -14.24
CA GLY D 73 -11.03 3.95 -14.67
C GLY D 73 -9.93 4.39 -13.74
N ASN D 74 -8.80 4.82 -14.31
CA ASN D 74 -7.65 5.30 -13.51
C ASN D 74 -7.68 6.81 -13.41
N GLY D 75 -8.82 7.42 -13.75
CA GLY D 75 -8.91 8.89 -13.75
C GLY D 75 -8.79 9.38 -12.31
N LEU D 76 -8.33 10.60 -12.13
CA LEU D 76 -8.03 11.14 -10.77
C LEU D 76 -9.28 11.71 -10.09
N THR D 77 -10.27 12.17 -10.86
CA THR D 77 -11.47 12.80 -10.31
C THR D 77 -12.25 11.80 -9.46
N ARG D 78 -12.74 12.24 -8.30
CA ARG D 78 -13.65 11.48 -7.48
C ARG D 78 -14.82 12.39 -7.14
N SER D 79 -16.07 11.96 -7.46
CA SER D 79 -17.25 12.85 -7.33
C SER D 79 -18.33 12.16 -6.52
N PRO D 80 -19.11 12.91 -5.73
CA PRO D 80 -20.10 12.31 -4.86
C PRO D 80 -21.17 11.44 -5.54
N VAL D 81 -21.46 10.34 -4.87
CA VAL D 81 -22.51 9.36 -5.27
C VAL D 81 -23.84 9.87 -4.71
N GLY D 82 -24.94 9.66 -5.41
CA GLY D 82 -26.27 9.99 -4.85
C GLY D 82 -26.58 9.23 -3.58
N ARG D 83 -27.46 9.79 -2.77
CA ARG D 83 -27.77 9.27 -1.42
C ARG D 83 -29.25 8.92 -1.30
N SER D 84 -30.03 9.03 -2.35
CA SER D 84 -31.44 8.56 -2.37
C SER D 84 -31.84 8.33 -3.83
N TRP D 85 -32.83 7.47 -4.03
CA TRP D 85 -33.32 7.11 -5.38
C TRP D 85 -33.84 8.30 -6.14
N SER D 86 -34.37 9.32 -5.47
CA SER D 86 -34.88 10.53 -6.14
C SER D 86 -33.73 11.35 -6.73
N SER D 87 -32.49 11.19 -6.24
CA SER D 87 -31.31 11.83 -6.89
C SER D 87 -30.19 10.80 -6.98
N SER D 88 -30.50 9.66 -7.57
CA SER D 88 -29.56 8.52 -7.73
C SER D 88 -28.42 8.95 -8.64
N SER D 89 -27.24 8.33 -8.47
CA SER D 89 -26.22 8.31 -9.53
C SER D 89 -26.74 7.33 -10.64
N THR D 90 -26.77 7.74 -11.88
CA THR D 90 -27.31 6.90 -12.94
C THR D 90 -26.37 6.94 -14.13
N ILE D 91 -26.24 5.82 -14.82
CA ILE D 91 -25.51 5.69 -16.08
C ILE D 91 -26.50 5.15 -17.12
N HIS D 92 -26.67 5.89 -18.20
CA HIS D 92 -27.32 5.43 -19.42
C HIS D 92 -26.28 4.65 -20.19
N TRP D 93 -26.56 3.37 -20.44
CA TRP D 93 -25.63 2.48 -21.16
C TRP D 93 -25.13 3.21 -22.41
N GLY D 94 -23.81 3.34 -22.55
CA GLY D 94 -23.19 4.04 -23.70
C GLY D 94 -22.63 5.38 -23.30
N SER D 95 -23.10 5.93 -22.19
CA SER D 95 -22.68 7.28 -21.73
C SER D 95 -21.29 7.20 -21.11
N SER D 96 -20.49 8.26 -21.23
CA SER D 96 -19.17 8.40 -20.55
C SER D 96 -19.34 9.16 -19.24
N THR D 97 -20.55 9.52 -18.88
CA THR D 97 -20.80 10.40 -17.71
C THR D 97 -21.80 9.74 -16.77
N VAL D 98 -21.67 9.96 -15.50
CA VAL D 98 -22.67 9.61 -14.44
C VAL D 98 -23.59 10.81 -14.24
N ILE D 99 -24.91 10.65 -14.33
CA ILE D 99 -25.90 11.76 -14.15
C ILE D 99 -26.66 11.53 -12.84
N THR D 100 -27.41 12.51 -12.41
CA THR D 100 -28.37 12.38 -11.31
C THR D 100 -29.73 12.08 -11.99
N GLU D 101 -30.45 11.06 -11.52
CA GLU D 101 -31.77 10.70 -12.09
C GLU D 101 -32.67 10.21 -10.97
N ASP D 102 -33.93 10.62 -10.98
CA ASP D 102 -34.97 10.08 -10.06
C ASP D 102 -35.44 8.73 -10.66
N VAL D 103 -35.21 7.65 -9.96
CA VAL D 103 -35.60 6.28 -10.38
C VAL D 103 -36.53 5.70 -9.32
N THR D 104 -37.16 6.54 -8.49
CA THR D 104 -38.12 6.05 -7.46
C THR D 104 -39.25 5.23 -8.12
N SER D 105 -39.56 5.47 -9.41
CA SER D 105 -40.73 4.80 -10.06
C SER D 105 -40.34 3.36 -10.42
N VAL D 106 -39.03 3.06 -10.51
CA VAL D 106 -38.50 1.73 -10.90
C VAL D 106 -38.43 0.84 -9.67
N VAL D 107 -38.15 1.40 -8.50
CA VAL D 107 -37.73 0.64 -7.30
C VAL D 107 -38.77 -0.40 -6.89
N PRO D 108 -40.06 -0.04 -6.70
CA PRO D 108 -41.01 -0.98 -6.07
C PRO D 108 -41.19 -2.28 -6.89
N GLY D 109 -41.04 -2.22 -8.19
CA GLY D 109 -41.22 -3.40 -9.04
C GLY D 109 -39.97 -4.20 -9.28
N ALA D 110 -38.81 -3.73 -8.79
CA ALA D 110 -37.52 -4.41 -9.03
C ALA D 110 -37.47 -5.64 -8.14
N VAL D 111 -36.90 -6.76 -8.61
CA VAL D 111 -36.73 -7.95 -7.74
C VAL D 111 -35.53 -7.75 -6.78
N ASN D 112 -35.69 -8.18 -5.54
CA ASN D 112 -34.70 -7.89 -4.48
C ASN D 112 -33.63 -8.98 -4.56
N ARG D 113 -32.38 -8.55 -4.67
CA ARG D 113 -31.20 -9.43 -4.77
C ARG D 113 -30.11 -8.88 -3.84
N ASP D 114 -30.52 -8.52 -2.63
CA ASP D 114 -29.62 -8.03 -1.56
C ASP D 114 -28.49 -9.07 -1.37
N LYS D 115 -27.25 -8.59 -1.34
CA LYS D 115 -25.99 -9.35 -1.19
C LYS D 115 -25.75 -10.27 -2.39
N VAL D 116 -26.50 -10.11 -3.48
CA VAL D 116 -26.28 -10.91 -4.70
C VAL D 116 -26.57 -10.07 -5.93
N THR D 117 -25.92 -8.93 -6.07
CA THR D 117 -25.95 -8.14 -7.30
C THR D 117 -24.52 -7.73 -7.64
N THR D 118 -24.36 -6.96 -8.70
CA THR D 118 -23.07 -6.81 -9.43
C THR D 118 -22.30 -5.61 -8.90
N ALA D 119 -22.19 -5.48 -7.58
CA ALA D 119 -21.33 -4.47 -6.92
C ALA D 119 -20.59 -5.19 -5.81
N TYR D 120 -19.30 -4.95 -5.73
CA TYR D 120 -18.37 -5.75 -4.90
C TYR D 120 -17.46 -4.81 -4.11
N ALA D 121 -17.39 -5.03 -2.79
CA ALA D 121 -16.37 -4.44 -1.91
C ALA D 121 -15.06 -5.22 -2.16
N LEU D 122 -13.97 -4.52 -2.36
CA LEU D 122 -12.64 -5.15 -2.54
C LEU D 122 -12.12 -5.46 -1.15
N PRO D 123 -11.43 -6.60 -0.95
CA PRO D 123 -10.97 -7.01 0.37
C PRO D 123 -9.65 -6.32 0.74
N ASP D 124 -9.20 -6.53 1.98
CA ASP D 124 -7.90 -6.02 2.47
C ASP D 124 -6.71 -6.77 1.83
N ASN D 125 -6.91 -7.93 1.20
CA ASN D 125 -5.77 -8.77 0.81
C ASN D 125 -5.76 -8.97 -0.71
N LEU D 126 -6.24 -7.99 -1.46
CA LEU D 126 -6.06 -8.01 -2.91
C LEU D 126 -5.05 -6.92 -3.25
N ALA E 1 15.78 -8.10 22.52
CA ALA E 1 16.92 -8.70 21.86
C ALA E 1 16.56 -8.86 20.39
N ILE E 2 17.40 -8.41 19.48
CA ILE E 2 17.19 -8.54 18.04
C ILE E 2 17.00 -10.01 17.71
N PHE E 3 16.05 -10.30 16.81
CA PHE E 3 15.66 -11.62 16.26
C PHE E 3 14.58 -12.27 17.12
N HIS E 4 14.27 -11.73 18.28
CA HIS E 4 13.04 -12.08 19.03
C HIS E 4 11.81 -11.49 18.31
N THR E 5 10.68 -12.10 18.52
CA THR E 5 9.37 -11.52 18.10
C THR E 5 9.30 -10.09 18.60
N GLY E 6 8.99 -9.13 17.73
CA GLY E 6 8.94 -7.68 18.07
C GLY E 6 10.22 -6.97 17.76
N SER E 7 11.32 -7.67 17.54
CA SER E 7 12.65 -7.08 17.26
C SER E 7 13.28 -7.81 16.06
N GLU E 8 12.48 -8.05 15.05
CA GLU E 8 12.92 -8.75 13.84
C GLU E 8 13.83 -7.81 13.05
N LEU E 9 14.74 -8.38 12.28
CA LEU E 9 15.71 -7.60 11.52
C LEU E 9 15.20 -7.43 10.10
N PHE E 10 14.92 -6.16 9.73
CA PHE E 10 14.49 -5.80 8.36
C PHE E 10 15.51 -4.86 7.74
N ILE E 11 15.64 -4.97 6.43
CA ILE E 11 16.51 -4.11 5.61
C ILE E 11 15.67 -3.45 4.54
N ILE E 12 16.05 -2.23 4.17
CA ILE E 12 15.46 -1.45 3.07
C ILE E 12 16.61 -0.98 2.22
N THR E 13 16.60 -1.25 0.92
CA THR E 13 17.67 -0.86 0.00
C THR E 13 17.05 -0.11 -1.14
N ARG E 14 17.85 0.69 -1.84
CA ARG E 14 17.49 1.29 -3.12
C ARG E 14 18.44 0.82 -4.22
N GLY E 15 17.89 0.50 -5.37
CA GLY E 15 18.65 0.11 -6.55
C GLY E 15 19.21 -1.31 -6.44
N PRO E 16 19.92 -1.73 -7.49
CA PRO E 16 20.43 -3.11 -7.55
C PRO E 16 21.67 -3.25 -6.67
N GLY E 17 21.91 -4.47 -6.20
CA GLY E 17 23.13 -4.77 -5.43
C GLY E 17 23.00 -6.07 -4.70
N LYS E 18 23.91 -6.35 -3.78
CA LYS E 18 23.91 -7.62 -3.02
C LYS E 18 23.93 -7.31 -1.55
N LEU E 19 23.08 -7.96 -0.81
CA LEU E 19 23.13 -7.98 0.66
C LEU E 19 23.85 -9.27 1.03
N THR E 20 24.97 -9.19 1.75
CA THR E 20 25.72 -10.40 2.18
C THR E 20 25.62 -10.58 3.69
N LEU E 21 25.25 -11.79 4.10
CA LEU E 21 25.18 -12.14 5.52
C LEU E 21 26.34 -13.15 5.83
N LEU E 22 26.99 -12.89 6.93
CA LEU E 22 28.05 -13.73 7.54
C LEU E 22 27.51 -14.26 8.85
N THR E 23 27.33 -15.58 8.91
CA THR E 23 26.81 -16.29 10.09
C THR E 23 28.00 -16.94 10.80
N TRP E 24 28.30 -16.55 12.04
CA TRP E 24 29.57 -17.04 12.65
C TRP E 24 29.43 -17.14 14.17
N GLY E 25 30.55 -17.38 14.87
CA GLY E 25 30.45 -17.65 16.31
C GLY E 25 29.65 -18.92 16.57
N GLY E 26 29.77 -19.88 15.68
CA GLY E 26 29.05 -21.18 15.80
C GLY E 26 29.40 -21.94 17.06
N LEU E 27 28.40 -22.45 17.77
CA LEU E 27 28.63 -23.29 18.97
C LEU E 27 29.32 -24.60 18.56
N ASN E 28 30.11 -25.22 19.46
CA ASN E 28 30.78 -26.53 19.20
C ASN E 28 31.51 -26.52 17.85
N ASN E 29 32.23 -25.46 17.54
CA ASN E 29 33.05 -25.37 16.29
C ASN E 29 32.19 -25.58 15.02
N LEU E 30 30.89 -25.21 15.01
CA LEU E 30 30.11 -25.17 13.75
C LEU E 30 30.76 -24.19 12.75
N ARG E 31 30.81 -24.56 11.51
CA ARG E 31 31.39 -23.82 10.40
C ARG E 31 30.63 -22.49 10.15
N SER E 32 31.39 -21.43 9.99
CA SER E 32 30.89 -20.08 9.59
C SER E 32 30.39 -20.10 8.15
N VAL E 33 29.35 -19.29 7.85
CA VAL E 33 28.72 -19.19 6.50
C VAL E 33 28.71 -17.75 5.99
N ILE E 34 29.00 -17.55 4.71
CA ILE E 34 28.90 -16.25 4.02
C ILE E 34 28.09 -16.47 2.76
N GLY E 35 27.07 -15.65 2.53
CA GLY E 35 26.29 -15.74 1.30
C GLY E 35 25.72 -14.40 0.89
N ALA E 36 25.93 -14.08 -0.38
CA ALA E 36 25.44 -12.86 -1.03
C ALA E 36 24.06 -13.14 -1.61
N ILE E 37 23.12 -12.22 -1.35
CA ILE E 37 21.74 -12.29 -1.91
C ILE E 37 21.57 -11.11 -2.83
N PRO E 38 21.43 -11.30 -4.14
CA PRO E 38 21.29 -10.18 -5.07
C PRO E 38 19.83 -9.69 -5.19
N THR E 39 19.66 -8.39 -5.45
CA THR E 39 18.42 -7.83 -6.02
C THR E 39 18.78 -7.10 -7.31
N GLU E 40 17.90 -7.11 -8.30
CA GLU E 40 18.05 -6.31 -9.55
C GLU E 40 17.01 -5.19 -9.55
N ASN E 41 16.25 -5.02 -8.48
CA ASN E 41 15.18 -3.99 -8.43
C ASN E 41 15.83 -2.63 -8.66
N THR E 42 15.17 -1.77 -9.43
CA THR E 42 15.70 -0.41 -9.70
C THR E 42 15.33 0.50 -8.49
N GLY E 43 14.29 0.15 -7.75
CA GLY E 43 13.72 1.01 -6.72
C GLY E 43 14.00 0.42 -5.36
N VAL E 44 13.03 0.52 -4.47
CA VAL E 44 13.16 0.07 -3.06
C VAL E 44 13.01 -1.46 -2.98
N THR E 45 13.88 -2.13 -2.24
CA THR E 45 13.68 -3.53 -1.87
C THR E 45 13.57 -3.62 -0.36
N LYS E 46 12.63 -4.36 0.16
CA LYS E 46 12.46 -4.68 1.56
C LYS E 46 12.94 -6.11 1.80
N TRP E 47 13.57 -6.35 2.96
CA TRP E 47 14.24 -7.61 3.25
C TRP E 47 13.92 -8.04 4.67
N ALA E 48 13.79 -9.33 4.85
CA ALA E 48 13.85 -9.99 6.17
C ALA E 48 15.19 -10.73 6.29
N VAL E 49 15.90 -10.49 7.38
CA VAL E 49 17.18 -11.16 7.68
C VAL E 49 16.94 -12.01 8.93
N SER E 50 17.23 -13.30 8.77
CA SER E 50 17.09 -14.29 9.87
C SER E 50 18.49 -14.62 10.42
N PHE E 51 18.49 -15.04 11.66
CA PHE E 51 19.62 -15.80 12.26
C PHE E 51 19.46 -17.28 11.90
N SER E 52 20.47 -18.08 12.24
CA SER E 52 20.48 -19.57 12.22
C SER E 52 20.64 -20.01 13.67
N HIS E 53 19.85 -20.96 14.12
CA HIS E 53 20.06 -21.52 15.47
C HIS E 53 21.50 -22.03 15.60
N ASN E 54 21.98 -21.94 16.84
CA ASN E 54 23.34 -22.42 17.29
C ASN E 54 24.46 -21.49 16.80
N TYR E 55 24.17 -20.27 16.34
CA TYR E 55 25.22 -19.28 16.01
C TYR E 55 25.06 -18.06 16.86
N THR E 56 26.21 -17.40 17.21
CA THR E 56 26.16 -16.31 18.20
C THR E 56 26.56 -14.95 17.59
N ARG E 57 26.96 -14.92 16.32
CA ARG E 57 27.38 -13.70 15.63
C ARG E 57 26.72 -13.64 14.24
N PHE E 58 26.17 -12.47 13.93
CA PHE E 58 25.58 -12.20 12.59
C PHE E 58 26.05 -10.84 12.10
N SER E 59 26.67 -10.81 10.95
CA SER E 59 27.26 -9.58 10.39
C SER E 59 26.80 -9.47 8.95
N PHE E 60 26.52 -8.26 8.49
CA PHE E 60 26.05 -8.08 7.10
C PHE E 60 26.55 -6.76 6.53
N ILE E 61 26.65 -6.72 5.22
CA ILE E 61 26.99 -5.49 4.49
C ILE E 61 26.12 -5.42 3.24
N TRP E 62 26.01 -4.22 2.68
CA TRP E 62 25.33 -3.98 1.39
C TRP E 62 26.38 -3.52 0.43
N GLU E 63 26.43 -4.09 -0.76
CA GLU E 63 27.27 -3.63 -1.87
C GLU E 63 26.31 -3.24 -2.96
N GLY E 64 26.17 -1.96 -3.14
CA GLY E 64 25.36 -1.37 -4.22
C GLY E 64 25.58 0.13 -4.18
N GLN E 65 25.25 0.83 -5.25
CA GLN E 65 25.42 2.29 -5.32
C GLN E 65 24.42 2.97 -4.36
N GLY E 66 23.26 2.37 -4.15
CA GLY E 66 22.14 3.03 -3.46
C GLY E 66 22.25 2.87 -1.97
N GLU E 67 21.33 3.50 -1.27
CA GLU E 67 21.26 3.45 0.21
C GLU E 67 20.80 2.09 0.68
N ALA E 68 21.13 1.79 1.93
CA ALA E 68 20.66 0.60 2.65
C ALA E 68 20.60 0.93 4.11
N CYS E 69 19.47 0.64 4.73
CA CYS E 69 19.22 0.86 6.16
C CYS E 69 18.59 -0.38 6.75
N TYR E 70 18.76 -0.52 8.05
CA TYR E 70 18.06 -1.58 8.81
C TYR E 70 17.04 -0.92 9.72
N GLN E 71 16.02 -1.69 10.05
CA GLN E 71 14.92 -1.35 10.94
C GLN E 71 14.69 -2.54 11.84
N ILE E 72 14.47 -2.30 13.12
CA ILE E 72 14.27 -3.37 14.11
C ILE E 72 12.78 -3.40 14.43
N GLY E 73 12.15 -4.52 14.11
CA GLY E 73 10.71 -4.70 14.37
C GLY E 73 9.89 -3.66 13.67
N ASN E 74 8.92 -3.13 14.34
CA ASN E 74 8.05 -2.04 13.82
C ASN E 74 8.59 -0.67 14.31
N GLY E 75 9.81 -0.62 14.75
CA GLY E 75 10.45 0.63 15.18
C GLY E 75 10.59 1.51 13.98
N LEU E 76 10.60 2.82 14.20
CA LEU E 76 10.58 3.82 13.12
C LEU E 76 11.99 4.09 12.62
N THR E 77 13.03 3.90 13.43
CA THR E 77 14.39 4.31 13.06
C THR E 77 14.87 3.41 11.91
N ARG E 78 15.51 4.00 10.92
CA ARG E 78 16.20 3.29 9.84
C ARG E 78 17.60 3.86 9.81
N SER E 79 18.62 3.01 9.96
CA SER E 79 20.04 3.39 10.10
C SER E 79 20.87 2.70 9.06
N PRO E 80 21.89 3.38 8.50
CA PRO E 80 22.69 2.82 7.43
C PRO E 80 23.38 1.50 7.78
N VAL E 81 23.33 0.59 6.82
CA VAL E 81 23.97 -0.74 6.90
C VAL E 81 25.43 -0.58 6.55
N GLY E 82 26.33 -1.38 7.15
CA GLY E 82 27.74 -1.35 6.75
C GLY E 82 27.94 -1.62 5.28
N ARG E 83 28.95 -1.03 4.65
CA ARG E 83 29.24 -1.25 3.21
C ARG E 83 30.61 -1.95 3.05
N SER E 84 31.27 -2.36 4.13
CA SER E 84 32.46 -3.21 4.04
C SER E 84 32.61 -3.99 5.33
N TRP E 85 33.33 -5.09 5.23
CA TRP E 85 33.50 -6.03 6.37
C TRP E 85 34.28 -5.35 7.48
N SER E 86 35.12 -4.36 7.20
CA SER E 86 35.90 -3.66 8.25
C SER E 86 34.98 -2.80 9.09
N SER E 87 33.80 -2.43 8.59
CA SER E 87 32.78 -1.69 9.40
C SER E 87 31.42 -2.32 9.17
N SER E 88 31.34 -3.65 9.31
CA SER E 88 30.11 -4.43 9.08
C SER E 88 29.06 -3.99 10.08
N SER E 89 27.78 -4.15 9.73
CA SER E 89 26.70 -4.16 10.72
C SER E 89 26.77 -5.53 11.44
N THR E 90 26.79 -5.55 12.77
CA THR E 90 27.02 -6.83 13.47
C THR E 90 26.06 -6.91 14.65
N ILE E 91 25.57 -8.13 14.92
CA ILE E 91 24.72 -8.40 16.08
C ILE E 91 25.37 -9.50 16.91
N HIS E 92 25.62 -9.22 18.17
CA HIS E 92 25.99 -10.25 19.17
C HIS E 92 24.70 -10.88 19.65
N TRP E 93 24.54 -12.18 19.47
CA TRP E 93 23.31 -12.89 19.86
C TRP E 93 22.92 -12.48 21.28
N GLY E 94 21.72 -11.97 21.47
CA GLY E 94 21.16 -11.53 22.78
C GLY E 94 21.18 -10.00 22.90
N SER E 95 21.95 -9.32 22.06
CA SER E 95 22.02 -7.84 22.02
C SER E 95 20.74 -7.26 21.39
N SER E 96 20.32 -6.09 21.87
CA SER E 96 19.21 -5.31 21.28
C SER E 96 19.78 -4.26 20.32
N THR E 97 21.07 -4.26 20.04
CA THR E 97 21.72 -3.17 19.29
C THR E 97 22.52 -3.76 18.15
N VAL E 98 22.47 -3.14 16.99
CA VAL E 98 23.37 -3.40 15.84
C VAL E 98 24.60 -2.50 16.01
N ILE E 99 25.79 -3.09 15.96
CA ILE E 99 27.07 -2.37 16.21
C ILE E 99 27.82 -2.40 14.90
N THR E 100 28.85 -1.59 14.82
CA THR E 100 29.84 -1.65 13.73
C THR E 100 30.96 -2.54 14.24
N GLU E 101 31.37 -3.53 13.46
CA GLU E 101 32.43 -4.49 13.91
C GLU E 101 33.22 -4.93 12.69
N ASP E 102 34.54 -4.90 12.80
CA ASP E 102 35.47 -5.38 11.76
C ASP E 102 35.48 -6.91 11.86
N VAL E 103 35.03 -7.58 10.83
CA VAL E 103 34.98 -9.07 10.80
C VAL E 103 35.80 -9.53 9.61
N THR E 104 36.72 -8.71 9.08
CA THR E 104 37.53 -9.08 7.87
C THR E 104 38.26 -10.42 8.10
N SER E 105 38.60 -10.76 9.35
CA SER E 105 39.39 -11.97 9.70
C SER E 105 38.47 -13.20 9.68
N VAL E 106 37.14 -13.01 9.70
CA VAL E 106 36.14 -14.13 9.74
C VAL E 106 35.81 -14.56 8.32
N VAL E 107 35.81 -13.61 7.37
CA VAL E 107 35.28 -13.89 6.00
C VAL E 107 36.01 -15.07 5.32
N PRO E 108 37.36 -15.11 5.27
CA PRO E 108 38.01 -16.06 4.36
C PRO E 108 37.73 -17.53 4.76
N GLY E 109 37.49 -17.77 6.05
CA GLY E 109 37.22 -19.12 6.56
C GLY E 109 35.78 -19.56 6.40
N ALA E 110 34.85 -18.65 6.06
CA ALA E 110 33.41 -18.97 6.05
C ALA E 110 33.11 -19.77 4.80
N VAL E 111 32.17 -20.72 4.87
CA VAL E 111 31.81 -21.48 3.64
C VAL E 111 30.81 -20.65 2.78
N ASN E 112 30.95 -20.71 1.46
CA ASN E 112 30.17 -19.87 0.54
C ASN E 112 28.80 -20.53 0.31
N ARG E 113 27.74 -19.78 0.55
CA ARG E 113 26.34 -20.20 0.37
C ARG E 113 25.59 -19.05 -0.32
N ASP E 114 26.18 -18.50 -1.36
CA ASP E 114 25.58 -17.44 -2.21
C ASP E 114 24.21 -17.91 -2.69
N LYS E 115 23.18 -17.06 -2.52
CA LYS E 115 21.78 -17.28 -2.93
C LYS E 115 21.13 -18.40 -2.13
N VAL E 116 21.75 -18.84 -1.03
CA VAL E 116 21.20 -19.86 -0.12
C VAL E 116 21.66 -19.54 1.29
N THR E 117 21.41 -18.31 1.76
CA THR E 117 21.56 -17.99 3.19
C THR E 117 20.28 -17.28 3.66
N THR E 118 20.26 -16.93 4.93
CA THR E 118 19.03 -16.59 5.66
C THR E 118 18.70 -15.10 5.57
N ALA E 119 18.76 -14.52 4.38
CA ALA E 119 18.36 -13.13 4.10
C ALA E 119 17.54 -13.15 2.81
N TYR E 120 16.37 -12.52 2.85
CA TYR E 120 15.35 -12.68 1.80
C TYR E 120 14.77 -11.34 1.37
N ALA E 121 14.85 -11.08 0.05
CA ALA E 121 14.14 -9.94 -0.56
C ALA E 121 12.63 -10.26 -0.63
N LEU E 122 11.78 -9.35 -0.21
CA LEU E 122 10.32 -9.56 -0.26
C LEU E 122 9.87 -9.26 -1.71
N PRO E 123 8.90 -10.02 -2.25
CA PRO E 123 8.43 -9.81 -3.61
C PRO E 123 7.47 -8.64 -3.75
N ASP E 124 7.09 -8.33 -5.00
CA ASP E 124 6.08 -7.31 -5.36
C ASP E 124 4.66 -7.73 -4.97
N ASN E 125 4.38 -8.99 -4.66
CA ASN E 125 2.99 -9.45 -4.53
C ASN E 125 2.75 -10.03 -3.15
N LEU E 126 3.45 -9.55 -2.13
CA LEU E 126 3.17 -10.07 -0.78
C LEU E 126 2.21 -9.10 -0.06
N ALA F 1 14.53 -24.82 -5.54
CA ALA F 1 14.55 -25.32 -4.21
C ALA F 1 14.07 -24.21 -3.27
N ILE F 2 13.14 -24.55 -2.36
CA ILE F 2 12.59 -23.53 -1.44
C ILE F 2 13.75 -23.07 -0.56
N PHE F 3 13.74 -21.78 -0.22
CA PHE F 3 14.69 -21.05 0.66
C PHE F 3 15.85 -20.45 -0.13
N HIS F 4 16.03 -20.87 -1.35
CA HIS F 4 16.97 -20.22 -2.30
C HIS F 4 16.36 -18.89 -2.73
N THR F 5 17.21 -17.93 -3.05
CA THR F 5 16.80 -16.69 -3.75
C THR F 5 15.86 -17.04 -4.89
N GLY F 6 14.69 -16.36 -4.95
CA GLY F 6 13.66 -16.62 -5.95
C GLY F 6 12.59 -17.59 -5.47
N SER F 7 12.84 -18.35 -4.43
CA SER F 7 11.89 -19.37 -3.90
C SER F 7 11.82 -19.23 -2.38
N GLU F 8 11.77 -18.00 -1.92
CA GLU F 8 11.67 -17.65 -0.49
C GLU F 8 10.30 -18.12 0.03
N LEU F 9 10.25 -18.46 1.29
CA LEU F 9 9.04 -18.99 1.90
C LEU F 9 8.30 -17.86 2.62
N PHE F 10 7.13 -17.54 2.15
CA PHE F 10 6.26 -16.51 2.75
C PHE F 10 4.95 -17.14 3.19
N ILE F 11 4.42 -16.60 4.28
CA ILE F 11 3.10 -17.03 4.82
C ILE F 11 2.19 -15.83 4.86
N ILE F 12 0.91 -16.06 4.67
CA ILE F 12 -0.16 -15.05 4.85
C ILE F 12 -1.19 -15.68 5.78
N THR F 13 -1.51 -15.03 6.88
CA THR F 13 -2.53 -15.50 7.81
C THR F 13 -3.59 -14.43 7.99
N ARG F 14 -4.76 -14.82 8.46
CA ARG F 14 -5.82 -13.87 8.88
C ARG F 14 -6.18 -14.10 10.34
N GLY F 15 -6.25 -13.03 11.11
CA GLY F 15 -6.68 -13.06 12.52
C GLY F 15 -5.54 -13.46 13.42
N PRO F 16 -5.80 -13.44 14.73
CA PRO F 16 -4.76 -13.78 15.69
C PRO F 16 -4.48 -15.29 15.72
N GLY F 17 -3.27 -15.65 16.13
CA GLY F 17 -2.89 -17.06 16.33
C GLY F 17 -1.39 -17.20 16.41
N LYS F 18 -0.91 -18.41 16.28
CA LYS F 18 0.54 -18.68 16.36
C LYS F 18 0.99 -19.48 15.15
N LEU F 19 2.08 -19.07 14.56
CA LEU F 19 2.79 -19.88 13.56
C LEU F 19 3.95 -20.54 14.30
N THR F 20 3.99 -21.87 14.33
CA THR F 20 5.03 -22.65 15.02
C THR F 20 5.93 -23.33 14.00
N LEU F 21 7.23 -23.15 14.19
CA LEU F 21 8.25 -23.71 13.34
C LEU F 21 9.02 -24.74 14.14
N LEU F 22 9.19 -25.90 13.53
CA LEU F 22 9.99 -27.07 14.04
C LEU F 22 11.15 -27.23 13.10
N THR F 23 12.35 -26.99 13.63
CA THR F 23 13.61 -27.06 12.89
C THR F 23 14.26 -28.38 13.30
N TRP F 24 14.44 -29.29 12.36
CA TRP F 24 14.93 -30.65 12.75
C TRP F 24 15.77 -31.27 11.65
N GLY F 25 16.11 -32.56 11.80
CA GLY F 25 17.02 -33.14 10.80
C GLY F 25 18.40 -32.55 10.93
N GLY F 26 18.79 -32.14 12.14
CA GLY F 26 20.07 -31.48 12.39
C GLY F 26 21.24 -32.38 12.07
N LEU F 27 22.24 -31.85 11.39
CA LEU F 27 23.52 -32.59 11.17
C LEU F 27 24.24 -32.81 12.50
N ASN F 28 24.99 -33.94 12.63
CA ASN F 28 25.81 -34.23 13.83
C ASN F 28 25.00 -34.10 15.10
N ASN F 29 23.76 -34.59 15.13
CA ASN F 29 22.97 -34.58 16.39
C ASN F 29 22.75 -33.14 16.93
N LEU F 30 22.71 -32.11 16.08
CA LEU F 30 22.20 -30.78 16.50
C LEU F 30 20.79 -30.90 17.06
N ARG F 31 20.52 -30.25 18.20
CA ARG F 31 19.23 -30.35 18.88
C ARG F 31 18.14 -29.69 18.00
N SER F 32 17.01 -30.38 17.92
CA SER F 32 15.79 -29.88 17.23
C SER F 32 15.20 -28.72 18.01
N VAL F 33 14.60 -27.75 17.29
CA VAL F 33 13.95 -26.56 17.91
C VAL F 33 12.49 -26.50 17.51
N ILE F 34 11.64 -26.17 18.49
CA ILE F 34 10.23 -25.83 18.26
C ILE F 34 9.98 -24.45 18.89
N GLY F 35 9.39 -23.54 18.13
CA GLY F 35 9.05 -22.22 18.65
C GLY F 35 7.81 -21.64 18.01
N ALA F 36 6.86 -21.19 18.83
CA ALA F 36 5.65 -20.51 18.42
C ALA F 36 5.92 -19.01 18.27
N ILE F 37 5.45 -18.44 17.17
CA ILE F 37 5.55 -16.99 16.86
C ILE F 37 4.13 -16.46 16.80
N PRO F 38 3.69 -15.65 17.77
CA PRO F 38 2.34 -15.13 17.79
C PRO F 38 2.12 -13.91 16.92
N THR F 39 0.89 -13.74 16.46
CA THR F 39 0.38 -12.45 15.94
C THR F 39 -0.90 -12.15 16.70
N GLU F 40 -1.17 -10.88 16.97
CA GLU F 40 -2.48 -10.40 17.50
C GLU F 40 -3.22 -9.61 16.45
N ASN F 41 -2.77 -9.57 15.21
CA ASN F 41 -3.45 -8.80 14.14
C ASN F 41 -4.86 -9.32 13.97
N THR F 42 -5.86 -8.43 13.81
CA THR F 42 -7.25 -8.91 13.55
C THR F 42 -7.38 -9.24 12.07
N GLY F 43 -6.57 -8.65 11.21
CA GLY F 43 -6.68 -8.92 9.77
C GLY F 43 -5.49 -9.73 9.30
N VAL F 44 -4.90 -9.32 8.20
CA VAL F 44 -3.84 -10.07 7.50
C VAL F 44 -2.49 -9.90 8.20
N THR F 45 -1.75 -10.98 8.39
CA THR F 45 -0.30 -10.88 8.75
C THR F 45 0.47 -11.53 7.63
N LYS F 46 1.55 -10.88 7.21
CA LYS F 46 2.45 -11.45 6.18
C LYS F 46 3.69 -11.89 6.93
N TRP F 47 4.33 -12.99 6.50
CA TRP F 47 5.45 -13.60 7.25
C TRP F 47 6.55 -14.02 6.30
N ALA F 48 7.80 -13.98 6.78
CA ALA F 48 8.95 -14.61 6.14
C ALA F 48 9.40 -15.74 7.04
N VAL F 49 9.50 -16.95 6.47
CA VAL F 49 9.99 -18.14 7.23
C VAL F 49 11.38 -18.50 6.64
N SER F 50 12.34 -18.60 7.55
CA SER F 50 13.73 -18.94 7.25
C SER F 50 13.99 -20.38 7.70
N PHE F 51 14.96 -20.98 7.02
CA PHE F 51 15.67 -22.18 7.54
C PHE F 51 16.77 -21.73 8.50
N SER F 52 17.44 -22.69 9.16
CA SER F 52 18.73 -22.47 9.88
C SER F 52 19.74 -23.35 9.16
N HIS F 53 20.93 -22.82 8.91
CA HIS F 53 22.03 -23.64 8.37
C HIS F 53 22.20 -24.89 9.25
N ASN F 54 22.61 -25.96 8.59
CA ASN F 54 22.98 -27.27 9.20
C ASN F 54 21.73 -28.08 9.61
N TYR F 55 20.52 -27.68 9.21
CA TYR F 55 19.32 -28.50 9.43
C TYR F 55 18.75 -28.91 8.09
N THR F 56 18.07 -30.09 8.03
CA THR F 56 17.60 -30.64 6.75
C THR F 56 16.06 -30.76 6.70
N ARG F 57 15.37 -30.44 7.82
CA ARG F 57 13.90 -30.56 7.89
C ARG F 57 13.30 -29.30 8.53
N PHE F 58 12.26 -28.77 7.89
CA PHE F 58 11.53 -27.60 8.42
C PHE F 58 10.04 -27.89 8.31
N SER F 59 9.36 -27.85 9.43
CA SER F 59 7.90 -28.15 9.51
C SER F 59 7.22 -27.01 10.25
N PHE F 60 6.05 -26.61 9.81
CA PHE F 60 5.31 -25.53 10.47
C PHE F 60 3.81 -25.78 10.45
N ILE F 61 3.14 -25.20 11.44
CA ILE F 61 1.66 -25.23 11.49
C ILE F 61 1.14 -23.85 11.84
N TRP F 62 -0.12 -23.62 11.54
CA TRP F 62 -0.82 -22.42 12.01
C TRP F 62 -1.89 -22.86 12.97
N GLU F 63 -1.96 -22.20 14.15
CA GLU F 63 -3.08 -22.41 15.07
C GLU F 63 -3.80 -21.08 15.18
N GLY F 64 -4.99 -21.02 14.63
CA GLY F 64 -5.86 -19.82 14.70
C GLY F 64 -7.18 -20.12 14.03
N GLN F 65 -8.26 -19.37 14.27
CA GLN F 65 -9.52 -19.60 13.54
C GLN F 65 -9.39 -19.20 12.08
N GLY F 66 -8.56 -18.24 11.73
CA GLY F 66 -8.51 -17.74 10.34
C GLY F 66 -7.60 -18.55 9.45
N GLU F 67 -7.62 -18.21 8.17
CA GLU F 67 -6.88 -18.99 7.14
C GLU F 67 -5.36 -18.76 7.31
N ALA F 68 -4.58 -19.66 6.73
CA ALA F 68 -3.13 -19.50 6.58
C ALA F 68 -2.68 -20.23 5.33
N CYS F 69 -1.99 -19.52 4.44
CA CYS F 69 -1.45 -20.05 3.18
C CYS F 69 0.03 -19.71 3.10
N TYR F 70 0.75 -20.49 2.32
CA TYR F 70 2.14 -20.16 1.96
C TYR F 70 2.19 -19.79 0.49
N GLN F 71 3.18 -18.99 0.17
CA GLN F 71 3.51 -18.53 -1.20
C GLN F 71 5.03 -18.70 -1.34
N ILE F 72 5.46 -19.17 -2.48
CA ILE F 72 6.89 -19.41 -2.79
C ILE F 72 7.35 -18.28 -3.69
N GLY F 73 8.31 -17.51 -3.24
CA GLY F 73 8.89 -16.42 -4.05
C GLY F 73 7.81 -15.43 -4.46
N ASN F 74 7.82 -15.00 -5.71
CA ASN F 74 6.79 -14.08 -6.24
C ASN F 74 5.70 -14.86 -6.95
N GLY F 75 5.61 -16.17 -6.71
CA GLY F 75 4.54 -17.00 -7.29
C GLY F 75 3.18 -16.46 -6.92
N LEU F 76 2.17 -16.65 -7.75
CA LEU F 76 0.77 -16.20 -7.42
C LEU F 76 0.04 -17.20 -6.54
N THR F 77 0.39 -18.50 -6.62
CA THR F 77 -0.39 -19.53 -5.88
C THR F 77 -0.19 -19.33 -4.39
N ARG F 78 -1.25 -19.50 -3.63
CA ARG F 78 -1.25 -19.53 -2.17
C ARG F 78 -2.03 -20.76 -1.76
N SER F 79 -1.41 -21.63 -0.94
CA SER F 79 -1.96 -22.95 -0.57
C SER F 79 -1.99 -23.07 0.94
N PRO F 80 -2.97 -23.79 1.52
CA PRO F 80 -3.10 -23.89 2.95
C PRO F 80 -1.89 -24.49 3.68
N VAL F 81 -1.63 -23.88 4.82
CA VAL F 81 -0.65 -24.37 5.81
C VAL F 81 -1.31 -25.41 6.69
N GLY F 82 -0.59 -26.43 7.11
CA GLY F 82 -1.11 -27.44 8.02
C GLY F 82 -1.53 -26.87 9.35
N ARG F 83 -2.47 -27.50 10.02
CA ARG F 83 -3.09 -26.95 11.26
C ARG F 83 -2.77 -27.84 12.47
N SER F 84 -2.00 -28.92 12.29
CA SER F 84 -1.58 -29.79 13.40
C SER F 84 -0.32 -30.54 12.97
N TRP F 85 0.47 -30.98 13.95
CA TRP F 85 1.79 -31.59 13.64
C TRP F 85 1.58 -32.92 12.92
N SER F 86 0.44 -33.58 13.05
CA SER F 86 0.21 -34.86 12.32
C SER F 86 0.00 -34.57 10.83
N SER F 87 -0.36 -33.34 10.46
CA SER F 87 -0.54 -32.89 9.05
C SER F 87 0.24 -31.58 8.84
N SER F 88 1.47 -31.55 9.28
CA SER F 88 2.33 -30.35 9.25
C SER F 88 2.60 -29.99 7.80
N SER F 89 2.79 -28.70 7.50
CA SER F 89 3.52 -28.30 6.26
C SER F 89 5.00 -28.64 6.49
N THR F 90 5.65 -29.35 5.57
CA THR F 90 7.01 -29.82 5.80
C THR F 90 7.78 -29.57 4.52
N ILE F 91 9.02 -29.15 4.68
CA ILE F 91 10.00 -29.01 3.57
C ILE F 91 11.20 -29.90 3.88
N HIS F 92 11.49 -30.83 3.00
CA HIS F 92 12.78 -31.57 2.97
C HIS F 92 13.81 -30.68 2.28
N TRP F 93 14.87 -30.32 3.00
CA TRP F 93 15.92 -29.41 2.49
C TRP F 93 16.30 -29.83 1.08
N GLY F 94 16.19 -28.91 0.13
CA GLY F 94 16.54 -29.12 -1.28
C GLY F 94 15.32 -29.33 -2.15
N SER F 95 14.17 -29.61 -1.54
CA SER F 95 12.88 -29.79 -2.25
C SER F 95 12.36 -28.45 -2.74
N SER F 96 11.65 -28.45 -3.86
CA SER F 96 10.91 -27.29 -4.40
C SER F 96 9.45 -27.32 -3.92
N THR F 97 9.06 -28.24 -3.05
CA THR F 97 7.64 -28.50 -2.77
C THR F 97 7.45 -28.52 -1.26
N VAL F 98 6.33 -27.99 -0.79
CA VAL F 98 5.84 -28.22 0.59
C VAL F 98 4.95 -29.45 0.61
N ILE F 99 5.20 -30.41 1.50
CA ILE F 99 4.42 -31.66 1.60
C ILE F 99 3.74 -31.65 2.97
N THR F 100 2.77 -32.51 3.13
CA THR F 100 2.11 -32.75 4.42
C THR F 100 2.80 -33.92 5.07
N GLU F 101 3.22 -33.78 6.32
CA GLU F 101 4.01 -34.86 6.98
C GLU F 101 3.65 -34.84 8.45
N ASP F 102 3.51 -36.02 9.06
CA ASP F 102 3.35 -36.20 10.50
C ASP F 102 4.73 -36.12 11.16
N VAL F 103 4.92 -35.11 12.00
CA VAL F 103 6.20 -34.90 12.75
C VAL F 103 5.90 -34.94 14.23
N THR F 104 4.76 -35.51 14.66
CA THR F 104 4.42 -35.61 16.11
C THR F 104 5.56 -36.34 16.86
N SER F 105 6.32 -37.22 16.23
CA SER F 105 7.37 -38.04 16.91
C SER F 105 8.62 -37.15 17.16
N VAL F 106 8.76 -36.03 16.45
CA VAL F 106 9.94 -35.13 16.55
C VAL F 106 9.70 -34.09 17.66
N VAL F 107 8.46 -33.69 17.88
CA VAL F 107 8.09 -32.60 18.82
C VAL F 107 8.62 -32.82 20.22
N PRO F 108 8.45 -33.99 20.87
CA PRO F 108 8.77 -34.09 22.30
C PRO F 108 10.25 -33.86 22.61
N GLY F 109 11.13 -34.19 21.67
CA GLY F 109 12.58 -33.99 21.89
C GLY F 109 13.06 -32.60 21.49
N ALA F 110 12.21 -31.74 20.91
CA ALA F 110 12.69 -30.43 20.40
C ALA F 110 12.84 -29.49 21.57
N VAL F 111 13.81 -28.60 21.56
CA VAL F 111 13.91 -27.60 22.66
C VAL F 111 12.98 -26.40 22.33
N ASN F 112 12.34 -25.85 23.34
CA ASN F 112 11.37 -24.74 23.19
C ASN F 112 12.13 -23.39 23.00
N ARG F 113 11.79 -22.70 21.93
CA ARG F 113 12.37 -21.38 21.56
C ARG F 113 11.23 -20.48 21.09
N ASP F 114 10.14 -20.49 21.85
CA ASP F 114 8.94 -19.63 21.60
C ASP F 114 9.41 -18.19 21.52
N LYS F 115 8.98 -17.47 20.50
CA LYS F 115 9.25 -16.03 20.24
C LYS F 115 10.72 -15.81 19.91
N VAL F 116 11.52 -16.86 19.68
CA VAL F 116 12.93 -16.76 19.26
C VAL F 116 13.25 -17.92 18.31
N THR F 117 12.52 -18.07 17.23
CA THR F 117 12.93 -18.97 16.12
C THR F 117 12.72 -18.22 14.80
N THR F 118 13.03 -18.86 13.67
CA THR F 118 13.33 -18.24 12.38
C THR F 118 12.08 -18.06 11.53
N ALA F 119 11.02 -17.52 12.11
CA ALA F 119 9.78 -17.13 11.40
C ALA F 119 9.40 -15.76 11.90
N TYR F 120 9.08 -14.86 10.97
CA TYR F 120 8.96 -13.42 11.30
C TYR F 120 7.71 -12.84 10.70
N ALA F 121 6.85 -12.29 11.56
CA ALA F 121 5.72 -11.45 11.13
C ALA F 121 6.26 -10.10 10.62
N LEU F 122 5.78 -9.65 9.46
CA LEU F 122 6.18 -8.35 8.92
C LEU F 122 5.39 -7.28 9.66
N PRO F 123 5.98 -6.10 9.94
CA PRO F 123 5.28 -5.06 10.70
C PRO F 123 4.43 -4.23 9.76
N ASP F 124 3.64 -3.34 10.37
CA ASP F 124 2.77 -2.34 9.69
C ASP F 124 3.61 -1.28 8.95
N ASN F 125 4.91 -1.13 9.21
CA ASN F 125 5.63 0.05 8.68
C ASN F 125 6.80 -0.39 7.82
N LEU F 126 6.72 -1.54 7.17
CA LEU F 126 7.81 -1.97 6.27
C LEU F 126 7.27 -1.85 4.85
#